data_6S04
#
_entry.id   6S04
#
_cell.length_a   65.053
_cell.length_b   79.548
_cell.length_c   113.520
_cell.angle_alpha   90.000
_cell.angle_beta   94.950
_cell.angle_gamma   90.000
#
_symmetry.space_group_name_H-M   'P 1 21 1'
#
loop_
_entity.id
_entity.type
_entity.pdbx_description
1 polymer 'exosialidase from uncultured bacterium pG7'
2 non-polymer 'ACETATE ION'
3 non-polymer GLYCEROL
4 non-polymer 'N-glycolyl-beta-neuraminic acid'
5 water water
#
_entity_poly.entity_id   1
_entity_poly.type   'polypeptide(L)'
_entity_poly.pdbx_seq_one_letter_code
;(MSE)RPETIPGISLNEDNSHYFYTRAGRRLSAEEVDSWVDQYAGTQVKEL(MSE)LCPNC(MSE)RTSYASQVWDPIWR
GYDPAGPDDQPLLASLPPEERVAARGWIHTAWQLHQDGIDIYARWIRRCRQRGISPWIS(MSE)R(MSE)NDVHYVNDER
CFLHSEFWRENPQLRRVPYRFAEWTDRAFDYGRAEVREHHLKLIRELAARYDFDGLELDW(MSE)RFGFHFRPGYEAEGA
EILTAFTAEVRRLLDDWEKRRGHKIHLGARIPSRPATALGLG(MSE)DAVTWARRGLVD(MSE)LVITPFWASAETD
(MSE)PVEIWRQLLEGTGVTLAAGLEVLLRPYPDSPLFQTNSLETVRGAAASLLDRGAQRIYLFNY(MSE)DSQTA
(MSE)EDLENYPTLLREIGSLETLAGKPRRHVLTFADTWAPGEPRAIPLPATCRPGEWRAFRLHTGPKPEPGEVIAALGI
EGGVAIGPETLEVRVNGELCAFLGLVDLSKPRPDFPVYGFSVPLAA(MSE)RRGYNLIEVTARQELRFGWAEFLIRPWHS
HHHHHH
;
_entity_poly.pdbx_strand_id   A,B
#
loop_
_chem_comp.id
_chem_comp.type
_chem_comp.name
_chem_comp.formula
ACT non-polymer 'ACETATE ION' 'C2 H3 O2 -1'
GOL non-polymer GLYCEROL 'C3 H8 O3'
NGE D-saccharide, beta linking 'N-glycolyl-beta-neuraminic acid' 'C11 H19 N O10'
#
# COMPACT_ATOMS: atom_id res chain seq x y z
N ILE A 6 -12.38 -18.51 20.62
CA ILE A 6 -11.34 -18.65 19.54
C ILE A 6 -11.85 -17.94 18.28
N PRO A 7 -10.97 -17.37 17.44
CA PRO A 7 -11.42 -16.78 16.18
C PRO A 7 -12.24 -17.77 15.34
N GLY A 8 -11.68 -18.91 14.97
CA GLY A 8 -12.41 -19.93 14.20
C GLY A 8 -12.34 -19.73 12.68
N ILE A 9 -13.12 -20.56 11.97
CA ILE A 9 -12.98 -20.78 10.50
C ILE A 9 -14.35 -20.56 9.86
N SER A 10 -14.30 -19.85 8.72
CA SER A 10 -15.36 -19.68 7.71
C SER A 10 -14.87 -20.49 6.52
N LEU A 11 -15.66 -21.47 6.05
CA LEU A 11 -15.19 -22.33 4.92
C LEU A 11 -16.24 -22.20 3.80
N ASN A 12 -15.77 -21.90 2.59
CA ASN A 12 -16.59 -21.63 1.39
C ASN A 12 -16.69 -22.92 0.59
N GLU A 13 -17.92 -23.38 0.32
CA GLU A 13 -18.22 -24.42 -0.69
C GLU A 13 -18.70 -23.71 -1.96
N ASP A 14 -17.95 -23.80 -3.06
CA ASP A 14 -18.27 -23.16 -4.38
C ASP A 14 -19.54 -23.75 -5.04
N ASN A 15 -19.94 -23.17 -6.17
CA ASN A 15 -21.24 -23.37 -6.85
C ASN A 15 -21.27 -24.69 -7.63
N SER A 16 -20.12 -25.34 -7.90
CA SER A 16 -20.01 -26.45 -8.91
C SER A 16 -19.47 -27.76 -8.33
N HIS A 17 -18.48 -27.66 -7.44
CA HIS A 17 -17.70 -28.78 -6.85
C HIS A 17 -18.57 -30.01 -6.48
N TYR A 18 -19.64 -29.81 -5.71
CA TYR A 18 -20.40 -30.98 -5.14
C TYR A 18 -21.04 -31.74 -6.30
N PHE A 19 -21.52 -30.98 -7.29
CA PHE A 19 -22.23 -31.57 -8.47
C PHE A 19 -21.19 -32.29 -9.38
N TYR A 20 -19.99 -31.71 -9.61
CA TYR A 20 -18.93 -32.36 -10.43
C TYR A 20 -18.53 -33.71 -9.78
N THR A 21 -18.29 -33.74 -8.46
CA THR A 21 -17.61 -34.82 -7.73
C THR A 21 -18.64 -35.92 -7.46
N ARG A 22 -19.93 -35.62 -7.26
CA ARG A 22 -20.88 -36.72 -6.92
C ARG A 22 -21.62 -37.26 -8.15
N ALA A 23 -21.26 -36.82 -9.37
CA ALA A 23 -21.96 -37.10 -10.65
C ALA A 23 -21.98 -38.60 -10.89
N GLY A 24 -23.03 -39.08 -11.57
CA GLY A 24 -23.16 -40.48 -12.00
C GLY A 24 -23.80 -41.38 -10.97
N ARG A 25 -24.34 -40.81 -9.88
CA ARG A 25 -24.99 -41.58 -8.78
C ARG A 25 -26.31 -40.89 -8.42
N ARG A 26 -27.37 -41.65 -8.20
CA ARG A 26 -28.63 -41.05 -7.70
C ARG A 26 -28.35 -40.68 -6.24
N LEU A 27 -28.41 -39.40 -5.88
CA LEU A 27 -28.10 -38.96 -4.47
C LEU A 27 -29.40 -38.96 -3.67
N SER A 28 -29.36 -39.64 -2.53
CA SER A 28 -30.42 -39.63 -1.49
C SER A 28 -30.28 -38.39 -0.59
N ALA A 29 -31.42 -37.89 -0.10
CA ALA A 29 -31.49 -36.78 0.88
C ALA A 29 -30.50 -37.05 2.02
N GLU A 30 -30.29 -38.31 2.39
CA GLU A 30 -29.44 -38.72 3.53
C GLU A 30 -28.00 -38.36 3.18
N GLU A 31 -27.59 -38.71 1.96
CA GLU A 31 -26.23 -38.47 1.42
C GLU A 31 -25.92 -36.97 1.34
N VAL A 32 -26.81 -36.21 0.75
CA VAL A 32 -26.71 -34.72 0.67
C VAL A 32 -26.42 -34.21 2.09
N ASP A 33 -27.26 -34.59 3.05
CA ASP A 33 -27.08 -34.21 4.47
C ASP A 33 -25.70 -34.60 5.01
N SER A 34 -25.16 -35.75 4.64
CA SER A 34 -23.88 -36.23 5.24
C SER A 34 -22.73 -35.24 4.96
N TRP A 35 -22.77 -34.50 3.85
CA TRP A 35 -21.72 -33.53 3.45
C TRP A 35 -21.44 -32.54 4.58
N VAL A 36 -22.46 -32.07 5.27
CA VAL A 36 -22.38 -31.05 6.37
C VAL A 36 -21.62 -31.70 7.55
N ASP A 37 -21.75 -33.00 7.74
CA ASP A 37 -21.25 -33.72 8.94
C ASP A 37 -19.72 -33.71 9.02
N GLN A 38 -18.99 -33.62 7.91
CA GLN A 38 -17.51 -33.66 8.01
C GLN A 38 -17.04 -32.40 8.75
N TYR A 39 -17.87 -31.36 8.76
CA TYR A 39 -17.50 -30.00 9.22
C TYR A 39 -17.92 -29.85 10.70
N ALA A 40 -18.75 -30.76 11.25
CA ALA A 40 -19.28 -30.66 12.64
C ALA A 40 -18.18 -30.95 13.65
N GLY A 41 -18.21 -30.21 14.76
CA GLY A 41 -17.27 -30.44 15.87
C GLY A 41 -15.84 -30.08 15.50
N THR A 42 -15.64 -29.14 14.57
CA THR A 42 -14.32 -28.57 14.25
C THR A 42 -14.31 -27.12 14.72
N GLN A 43 -13.35 -26.32 14.20
CA GLN A 43 -13.27 -24.86 14.44
C GLN A 43 -14.08 -24.07 13.39
N VAL A 44 -14.77 -24.77 12.48
CA VAL A 44 -15.68 -24.11 11.52
C VAL A 44 -16.86 -23.53 12.30
N LYS A 45 -17.06 -22.22 12.24
CA LYS A 45 -18.24 -21.51 12.81
C LYS A 45 -19.31 -21.37 11.74
N GLU A 46 -18.89 -21.19 10.47
CA GLU A 46 -19.77 -20.84 9.33
C GLU A 46 -19.35 -21.57 8.06
N LEU A 47 -20.33 -22.17 7.38
CA LEU A 47 -20.25 -22.61 5.98
C LEU A 47 -20.93 -21.56 5.10
N MSE A 48 -20.15 -21.05 4.14
CA MSE A 48 -20.58 -20.13 3.11
C MSE A 48 -20.86 -20.95 1.83
O MSE A 48 -19.96 -21.49 1.14
CB MSE A 48 -19.50 -19.06 2.89
CG MSE A 48 -19.70 -17.82 3.71
SE MSE A 48 -19.18 -18.17 5.54
CE MSE A 48 -19.33 -16.26 6.07
N LEU A 49 -22.14 -21.12 1.58
CA LEU A 49 -22.62 -22.04 0.56
C LEU A 49 -22.91 -21.21 -0.69
N CYS A 50 -22.09 -21.35 -1.73
CA CYS A 50 -22.26 -20.63 -2.99
C CYS A 50 -23.25 -21.36 -3.89
N PRO A 51 -24.42 -20.75 -4.26
CA PRO A 51 -25.32 -21.36 -5.24
C PRO A 51 -25.33 -20.89 -6.71
N ASN A 52 -24.37 -20.07 -7.14
CA ASN A 52 -24.49 -19.36 -8.44
C ASN A 52 -23.12 -19.08 -9.05
N CYS A 53 -23.09 -19.08 -10.38
CA CYS A 53 -22.15 -18.27 -11.20
C CYS A 53 -23.05 -17.29 -11.97
N MSE A 54 -22.98 -17.36 -13.30
CA MSE A 54 -23.89 -16.59 -14.18
C MSE A 54 -25.24 -17.32 -14.15
O MSE A 54 -26.26 -16.72 -14.54
CB MSE A 54 -23.33 -16.54 -15.61
CG MSE A 54 -22.25 -15.49 -15.80
SE MSE A 54 -22.37 -14.67 -17.58
CE MSE A 54 -20.70 -13.72 -17.99
N ARG A 55 -25.22 -18.59 -13.69
CA ARG A 55 -26.42 -19.39 -13.57
C ARG A 55 -26.51 -20.01 -12.16
N THR A 56 -27.71 -20.45 -11.72
CA THR A 56 -27.90 -21.07 -10.39
C THR A 56 -27.71 -22.60 -10.49
N SER A 57 -27.26 -23.23 -9.41
CA SER A 57 -27.21 -24.71 -9.28
C SER A 57 -28.53 -25.24 -8.68
N TYR A 58 -29.38 -24.38 -8.10
CA TYR A 58 -30.77 -24.73 -7.70
C TYR A 58 -31.78 -24.26 -8.77
N ALA A 59 -33.04 -24.62 -8.58
CA ALA A 59 -34.14 -24.36 -9.54
C ALA A 59 -34.69 -22.93 -9.37
N SER A 60 -33.93 -21.91 -9.80
CA SER A 60 -34.36 -20.48 -9.68
C SER A 60 -35.57 -20.21 -10.60
N GLN A 61 -36.43 -19.26 -10.18
CA GLN A 61 -37.56 -18.76 -11.01
C GLN A 61 -37.20 -17.38 -11.63
N VAL A 62 -36.10 -16.70 -11.23
CA VAL A 62 -35.75 -15.35 -11.81
C VAL A 62 -34.44 -15.36 -12.60
N TRP A 63 -33.54 -16.33 -12.37
CA TRP A 63 -32.31 -16.56 -13.16
C TRP A 63 -32.37 -17.92 -13.86
N ASP A 64 -31.42 -18.17 -14.74
CA ASP A 64 -31.27 -19.47 -15.46
C ASP A 64 -30.60 -20.50 -14.55
N PRO A 65 -31.24 -21.67 -14.26
CA PRO A 65 -30.49 -22.75 -13.62
C PRO A 65 -29.38 -23.28 -14.57
N ILE A 66 -28.40 -23.99 -13.99
CA ILE A 66 -27.25 -24.54 -14.76
C ILE A 66 -27.80 -25.37 -15.95
N TRP A 67 -28.96 -25.99 -15.80
CA TRP A 67 -29.47 -26.98 -16.78
C TRP A 67 -30.43 -26.37 -17.78
N ARG A 68 -30.61 -25.04 -17.82
CA ARG A 68 -31.47 -24.43 -18.88
C ARG A 68 -30.93 -24.86 -20.26
N GLY A 69 -31.79 -25.34 -21.15
CA GLY A 69 -31.37 -25.81 -22.49
C GLY A 69 -30.95 -27.28 -22.49
N TYR A 70 -31.02 -27.99 -21.36
CA TYR A 70 -30.44 -29.36 -21.15
C TYR A 70 -31.43 -30.45 -21.62
N ASP A 71 -30.93 -31.45 -22.35
CA ASP A 71 -31.72 -32.65 -22.75
C ASP A 71 -31.26 -33.86 -21.95
N PRO A 72 -31.97 -34.25 -20.86
CA PRO A 72 -31.47 -35.24 -19.91
C PRO A 72 -31.11 -36.57 -20.59
N ALA A 73 -31.97 -36.94 -21.54
CA ALA A 73 -32.01 -38.21 -22.29
C ALA A 73 -31.02 -38.21 -23.44
N GLY A 74 -30.44 -37.05 -23.77
CA GLY A 74 -29.76 -36.78 -25.04
C GLY A 74 -28.28 -37.15 -24.96
N PRO A 75 -27.58 -37.13 -26.10
CA PRO A 75 -26.14 -37.35 -26.13
C PRO A 75 -25.39 -36.12 -25.59
N ASP A 76 -24.15 -36.33 -25.11
CA ASP A 76 -23.18 -35.26 -24.71
C ASP A 76 -23.10 -34.16 -25.77
N ASP A 77 -23.18 -34.53 -27.05
CA ASP A 77 -23.13 -33.58 -28.18
C ASP A 77 -24.55 -33.05 -28.46
N GLN A 78 -24.98 -32.10 -27.66
CA GLN A 78 -26.29 -31.41 -27.75
C GLN A 78 -26.03 -29.90 -27.65
N PRO A 79 -26.97 -29.02 -28.12
CA PRO A 79 -26.77 -27.56 -28.19
C PRO A 79 -26.13 -26.93 -26.94
N LEU A 80 -26.55 -27.34 -25.74
CA LEU A 80 -26.03 -26.67 -24.51
C LEU A 80 -24.50 -26.88 -24.37
N LEU A 81 -23.95 -28.02 -24.81
CA LEU A 81 -22.54 -28.44 -24.55
C LEU A 81 -21.69 -28.36 -25.83
N ALA A 82 -22.28 -27.88 -26.93
CA ALA A 82 -21.75 -28.11 -28.29
C ALA A 82 -20.40 -27.39 -28.38
N SER A 83 -20.34 -26.17 -27.80
CA SER A 83 -19.20 -25.23 -27.87
C SER A 83 -17.97 -25.81 -27.15
N LEU A 84 -18.16 -26.79 -26.28
CA LEU A 84 -17.01 -27.41 -25.58
C LEU A 84 -16.37 -28.47 -26.45
N PRO A 85 -15.06 -28.73 -26.27
CA PRO A 85 -14.44 -29.98 -26.68
C PRO A 85 -15.13 -31.21 -26.06
N PRO A 86 -15.21 -32.33 -26.79
CA PRO A 86 -15.91 -33.55 -26.35
C PRO A 86 -15.62 -34.03 -24.93
N GLU A 87 -14.35 -34.01 -24.50
CA GLU A 87 -13.96 -34.55 -23.17
C GLU A 87 -14.40 -33.60 -22.07
N GLU A 88 -14.40 -32.28 -22.30
CA GLU A 88 -14.82 -31.27 -21.29
C GLU A 88 -16.35 -31.27 -21.16
N ARG A 89 -17.10 -31.83 -22.12
CA ARG A 89 -18.57 -31.91 -21.97
C ARG A 89 -18.90 -32.91 -20.86
N VAL A 90 -18.03 -33.91 -20.59
CA VAL A 90 -18.35 -35.00 -19.63
C VAL A 90 -18.45 -34.37 -18.24
N ALA A 91 -17.46 -33.56 -17.88
CA ALA A 91 -17.33 -32.87 -16.58
C ALA A 91 -18.47 -31.86 -16.44
N ALA A 92 -18.63 -30.97 -17.43
CA ALA A 92 -19.74 -29.98 -17.43
C ALA A 92 -21.09 -30.68 -17.24
N ARG A 93 -21.32 -31.78 -17.95
CA ARG A 93 -22.62 -32.51 -17.89
C ARG A 93 -22.75 -33.20 -16.51
N GLY A 94 -21.67 -33.69 -15.87
CA GLY A 94 -21.74 -34.11 -14.46
C GLY A 94 -22.43 -33.05 -13.59
N TRP A 95 -21.90 -31.83 -13.58
CA TRP A 95 -22.46 -30.67 -12.83
C TRP A 95 -23.94 -30.50 -13.24
N ILE A 96 -24.23 -30.35 -14.52
CA ILE A 96 -25.60 -30.05 -15.02
C ILE A 96 -26.53 -31.19 -14.59
N HIS A 97 -26.17 -32.46 -14.83
CA HIS A 97 -27.12 -33.59 -14.64
C HIS A 97 -27.34 -33.84 -13.14
N THR A 98 -26.31 -33.70 -12.30
CA THR A 98 -26.42 -33.96 -10.85
C THR A 98 -27.40 -32.94 -10.24
N ALA A 99 -27.26 -31.65 -10.60
CA ALA A 99 -28.09 -30.54 -10.09
C ALA A 99 -29.51 -30.72 -10.60
N TRP A 100 -29.65 -31.04 -11.87
CA TRP A 100 -30.99 -31.36 -12.44
C TRP A 100 -31.70 -32.50 -11.68
N GLN A 101 -31.03 -33.63 -11.50
CA GLN A 101 -31.62 -34.85 -10.88
C GLN A 101 -32.00 -34.58 -9.41
N LEU A 102 -31.28 -33.71 -8.73
CA LEU A 102 -31.64 -33.34 -7.33
C LEU A 102 -32.99 -32.63 -7.42
N HIS A 103 -33.14 -31.62 -8.30
CA HIS A 103 -34.47 -30.94 -8.50
C HIS A 103 -35.58 -31.98 -8.76
N GLN A 104 -35.38 -32.87 -9.73
CA GLN A 104 -36.37 -33.94 -10.13
C GLN A 104 -36.80 -34.75 -8.90
N ASP A 105 -35.88 -35.00 -7.97
CA ASP A 105 -36.11 -35.82 -6.78
C ASP A 105 -36.76 -34.96 -5.68
N GLY A 106 -37.12 -33.69 -5.95
CA GLY A 106 -37.70 -32.77 -4.96
C GLY A 106 -36.74 -32.48 -3.80
N ILE A 107 -35.43 -32.55 -4.05
CA ILE A 107 -34.39 -32.22 -3.03
C ILE A 107 -33.89 -30.83 -3.39
N ASP A 108 -33.98 -29.89 -2.46
CA ASP A 108 -33.31 -28.58 -2.65
C ASP A 108 -32.02 -28.69 -1.88
N ILE A 109 -30.86 -28.71 -2.55
CA ILE A 109 -29.56 -28.93 -1.84
C ILE A 109 -29.32 -27.80 -0.81
N TYR A 110 -29.50 -26.53 -1.15
CA TYR A 110 -29.15 -25.44 -0.21
C TYR A 110 -30.15 -25.44 0.98
N ALA A 111 -31.45 -25.77 0.78
CA ALA A 111 -32.44 -25.89 1.89
C ALA A 111 -32.04 -27.01 2.86
N ARG A 112 -31.48 -28.10 2.35
CA ARG A 112 -31.09 -29.26 3.20
C ARG A 112 -29.78 -28.99 3.95
N TRP A 113 -28.80 -28.35 3.28
CA TRP A 113 -27.52 -27.98 3.90
C TRP A 113 -27.74 -26.95 5.02
N ILE A 114 -28.58 -25.93 4.79
CA ILE A 114 -28.92 -24.93 5.85
C ILE A 114 -29.52 -25.67 7.07
N ARG A 115 -30.58 -26.46 6.85
CA ARG A 115 -31.23 -27.23 7.93
C ARG A 115 -30.23 -28.11 8.66
N ARG A 116 -29.38 -28.85 7.94
CA ARG A 116 -28.39 -29.78 8.57
C ARG A 116 -27.34 -28.97 9.35
N CYS A 117 -26.78 -27.90 8.77
CA CYS A 117 -25.88 -26.96 9.50
C CYS A 117 -26.47 -26.64 10.89
N ARG A 118 -27.73 -26.17 10.93
CA ARG A 118 -28.37 -25.66 12.19
C ARG A 118 -28.50 -26.80 13.22
N GLN A 119 -28.73 -28.06 12.79
CA GLN A 119 -28.72 -29.26 13.68
C GLN A 119 -27.28 -29.50 14.20
N ARG A 120 -26.24 -29.24 13.40
CA ARG A 120 -24.85 -29.65 13.76
C ARG A 120 -24.12 -28.46 14.40
N GLY A 121 -24.85 -27.38 14.71
CA GLY A 121 -24.31 -26.23 15.44
C GLY A 121 -23.39 -25.36 14.59
N ILE A 122 -23.45 -25.49 13.26
CA ILE A 122 -22.76 -24.61 12.28
C ILE A 122 -23.73 -23.48 11.90
N SER A 123 -23.23 -22.25 11.67
CA SER A 123 -24.03 -21.14 11.13
C SER A 123 -24.05 -21.26 9.61
N PRO A 124 -25.22 -21.49 8.94
CA PRO A 124 -25.28 -21.55 7.48
C PRO A 124 -25.39 -20.18 6.78
N TRP A 125 -24.53 -19.94 5.79
CA TRP A 125 -24.50 -18.69 5.00
C TRP A 125 -24.75 -19.01 3.52
N ILE A 126 -25.24 -17.99 2.82
CA ILE A 126 -25.27 -17.96 1.33
C ILE A 126 -24.20 -16.96 0.92
N SER A 127 -23.20 -17.41 0.16
CA SER A 127 -22.23 -16.55 -0.55
C SER A 127 -22.64 -16.46 -2.03
N MSE A 128 -22.98 -15.23 -2.49
CA MSE A 128 -23.29 -14.94 -3.90
C MSE A 128 -22.07 -14.41 -4.68
O MSE A 128 -21.45 -13.39 -4.34
CB MSE A 128 -24.43 -13.92 -4.02
CG MSE A 128 -25.07 -13.84 -5.41
SE MSE A 128 -26.41 -12.46 -5.60
CE MSE A 128 -26.02 -11.79 -7.40
N ARG A 129 -21.83 -15.07 -5.82
CA ARG A 129 -20.81 -14.61 -6.81
C ARG A 129 -21.49 -13.44 -7.52
N MSE A 130 -20.89 -12.25 -7.46
CA MSE A 130 -21.54 -11.04 -7.98
C MSE A 130 -21.21 -10.81 -9.45
O MSE A 130 -21.88 -10.02 -10.11
CB MSE A 130 -21.04 -9.83 -7.19
CG MSE A 130 -21.24 -9.96 -5.68
SE MSE A 130 -23.14 -10.46 -5.27
CE MSE A 130 -23.99 -8.82 -5.89
N ASN A 131 -20.14 -11.42 -9.96
CA ASN A 131 -19.73 -11.08 -11.34
C ASN A 131 -18.75 -12.12 -11.89
N ASP A 132 -19.15 -13.38 -11.88
CA ASP A 132 -18.35 -14.52 -12.38
C ASP A 132 -18.22 -14.43 -13.91
N VAL A 133 -17.02 -14.73 -14.44
CA VAL A 133 -16.71 -14.61 -15.90
C VAL A 133 -15.87 -15.83 -16.37
N HIS A 134 -15.97 -16.98 -15.69
CA HIS A 134 -15.34 -18.22 -16.23
C HIS A 134 -15.71 -18.43 -17.70
N TYR A 135 -14.72 -18.49 -18.60
CA TYR A 135 -14.80 -18.99 -19.99
C TYR A 135 -15.61 -18.05 -20.89
N VAL A 136 -15.61 -16.74 -20.60
CA VAL A 136 -16.35 -15.71 -21.40
C VAL A 136 -15.68 -15.53 -22.76
N ASN A 137 -14.51 -16.15 -22.99
CA ASN A 137 -13.87 -16.28 -24.33
C ASN A 137 -14.78 -17.10 -25.27
N ASP A 138 -15.61 -17.99 -24.70
CA ASP A 138 -16.63 -18.82 -25.41
C ASP A 138 -18.03 -18.23 -25.13
N GLU A 139 -18.55 -17.39 -26.04
CA GLU A 139 -19.86 -16.72 -25.94
C GLU A 139 -21.00 -17.76 -25.91
N ARG A 140 -20.79 -19.00 -26.40
CA ARG A 140 -21.88 -20.03 -26.40
C ARG A 140 -21.81 -20.97 -25.17
N CYS A 141 -20.92 -20.72 -24.21
CA CYS A 141 -20.66 -21.65 -23.07
C CYS A 141 -21.94 -21.94 -22.25
N PHE A 142 -22.11 -23.16 -21.73
CA PHE A 142 -23.28 -23.60 -20.92
C PHE A 142 -23.51 -22.69 -19.70
N LEU A 143 -22.47 -22.18 -19.04
CA LEU A 143 -22.63 -21.58 -17.69
C LEU A 143 -22.83 -20.06 -17.75
N HIS A 144 -22.89 -19.44 -18.94
CA HIS A 144 -23.25 -17.99 -19.07
C HIS A 144 -24.78 -17.85 -19.04
N SER A 145 -25.34 -16.77 -18.46
CA SER A 145 -26.80 -16.43 -18.51
C SER A 145 -27.19 -15.95 -19.93
N GLU A 146 -28.44 -16.22 -20.33
CA GLU A 146 -28.96 -15.69 -21.63
C GLU A 146 -28.94 -14.14 -21.56
N PHE A 147 -29.05 -13.57 -20.37
CA PHE A 147 -28.99 -12.11 -20.14
C PHE A 147 -27.61 -11.57 -20.53
N TRP A 148 -26.52 -12.18 -20.09
CA TRP A 148 -25.13 -11.82 -20.54
C TRP A 148 -24.96 -11.96 -22.06
N ARG A 149 -25.42 -13.09 -22.60
CA ARG A 149 -25.28 -13.39 -24.05
C ARG A 149 -25.99 -12.29 -24.86
N GLU A 150 -27.18 -11.84 -24.44
CA GLU A 150 -28.05 -10.95 -25.22
C GLU A 150 -27.72 -9.48 -25.01
N ASN A 151 -26.79 -9.14 -24.13
CA ASN A 151 -26.59 -7.73 -23.70
C ASN A 151 -25.07 -7.42 -23.66
N PRO A 152 -24.36 -7.59 -24.79
CA PRO A 152 -22.95 -7.22 -24.87
C PRO A 152 -22.68 -5.76 -24.47
N GLN A 153 -23.62 -4.82 -24.71
CA GLN A 153 -23.50 -3.36 -24.36
C GLN A 153 -23.35 -3.15 -22.82
N LEU A 154 -23.72 -4.11 -21.98
CA LEU A 154 -23.67 -3.98 -20.50
C LEU A 154 -22.29 -4.42 -19.93
N ARG A 155 -21.32 -4.77 -20.77
CA ARG A 155 -19.97 -5.15 -20.35
C ARG A 155 -19.15 -3.88 -20.01
N ARG A 156 -18.13 -4.04 -19.16
CA ARG A 156 -17.14 -3.07 -18.64
C ARG A 156 -16.22 -2.50 -19.74
N VAL A 157 -15.67 -3.33 -20.64
CA VAL A 157 -14.57 -2.94 -21.57
C VAL A 157 -14.94 -3.26 -23.02
N PRO A 158 -15.51 -2.33 -23.81
CA PRO A 158 -15.84 -2.65 -25.19
C PRO A 158 -14.69 -2.62 -26.20
N TYR A 159 -13.53 -2.05 -25.89
CA TYR A 159 -12.52 -1.64 -26.89
C TYR A 159 -11.40 -2.70 -26.98
N ARG A 160 -11.50 -3.77 -26.17
CA ARG A 160 -10.46 -4.85 -26.17
C ARG A 160 -10.93 -6.11 -25.43
N PHE A 161 -10.26 -7.24 -25.67
CA PHE A 161 -10.55 -8.50 -24.94
C PHE A 161 -9.20 -9.14 -24.67
N ALA A 162 -8.53 -8.75 -23.57
CA ALA A 162 -7.22 -9.27 -23.17
C ALA A 162 -7.40 -10.13 -21.91
N GLU A 163 -8.47 -9.91 -21.15
CA GLU A 163 -8.72 -10.67 -19.88
C GLU A 163 -10.21 -10.99 -19.78
N TRP A 164 -10.57 -12.08 -19.08
CA TRP A 164 -11.99 -12.45 -18.83
C TRP A 164 -12.77 -11.26 -18.22
N THR A 165 -12.23 -10.57 -17.23
CA THR A 165 -12.82 -9.35 -16.60
C THR A 165 -13.22 -8.29 -17.65
N ASP A 166 -12.55 -8.28 -18.80
CA ASP A 166 -12.97 -7.38 -19.89
C ASP A 166 -14.45 -7.57 -20.19
N ARG A 167 -15.00 -8.79 -20.08
CA ARG A 167 -16.41 -9.08 -20.49
C ARG A 167 -17.31 -9.23 -19.28
N ALA A 168 -16.84 -8.89 -18.07
CA ALA A 168 -17.69 -8.86 -16.85
C ALA A 168 -18.75 -7.75 -17.05
N PHE A 169 -19.85 -7.80 -16.28
CA PHE A 169 -20.92 -6.77 -16.29
C PHE A 169 -20.43 -5.47 -15.61
N ASP A 170 -20.89 -4.32 -16.08
CA ASP A 170 -20.60 -2.98 -15.54
C ASP A 170 -21.71 -2.66 -14.52
N TYR A 171 -21.45 -2.69 -13.21
CA TYR A 171 -22.49 -2.34 -12.18
C TYR A 171 -22.77 -0.81 -12.13
N GLY A 172 -21.99 -0.03 -12.90
CA GLY A 172 -22.35 1.36 -13.26
C GLY A 172 -23.72 1.43 -13.96
N ARG A 173 -24.19 0.30 -14.50
CA ARG A 173 -25.46 0.22 -15.27
C ARG A 173 -26.59 -0.31 -14.37
N ALA A 174 -27.73 0.40 -14.38
CA ALA A 174 -28.89 0.15 -13.51
C ALA A 174 -29.52 -1.22 -13.85
N GLU A 175 -29.55 -1.57 -15.14
N GLU A 175 -29.54 -1.60 -15.11
CA GLU A 175 -30.04 -2.89 -15.63
CA GLU A 175 -30.13 -2.90 -15.49
C GLU A 175 -29.22 -4.01 -15.00
C GLU A 175 -29.22 -4.03 -14.97
N VAL A 176 -27.93 -3.77 -14.76
CA VAL A 176 -26.97 -4.80 -14.25
C VAL A 176 -27.22 -4.98 -12.76
N ARG A 177 -27.27 -3.88 -11.98
CA ARG A 177 -27.61 -3.86 -10.54
C ARG A 177 -28.99 -4.54 -10.29
N GLU A 178 -29.99 -4.22 -11.12
CA GLU A 178 -31.36 -4.83 -11.04
C GLU A 178 -31.26 -6.35 -11.23
N HIS A 179 -30.52 -6.81 -12.24
CA HIS A 179 -30.29 -8.26 -12.54
C HIS A 179 -29.78 -9.02 -11.31
N HIS A 180 -28.83 -8.47 -10.55
CA HIS A 180 -28.23 -9.16 -9.36
C HIS A 180 -29.13 -9.01 -8.12
N LEU A 181 -29.80 -7.87 -7.95
CA LEU A 181 -30.78 -7.64 -6.87
C LEU A 181 -31.95 -8.64 -7.03
N LYS A 182 -32.34 -9.00 -8.26
CA LYS A 182 -33.43 -9.99 -8.49
C LYS A 182 -33.06 -11.31 -7.81
N LEU A 183 -31.81 -11.77 -7.97
CA LEU A 183 -31.34 -13.06 -7.37
C LEU A 183 -31.30 -12.96 -5.85
N ILE A 184 -30.85 -11.84 -5.33
CA ILE A 184 -30.74 -11.62 -3.85
C ILE A 184 -32.16 -11.64 -3.27
N ARG A 185 -33.10 -10.91 -3.89
CA ARG A 185 -34.55 -10.95 -3.51
C ARG A 185 -35.06 -12.41 -3.44
N GLU A 186 -34.90 -13.21 -4.48
CA GLU A 186 -35.25 -14.65 -4.48
C GLU A 186 -34.52 -15.41 -3.36
N LEU A 187 -33.19 -15.20 -3.21
CA LEU A 187 -32.36 -15.92 -2.22
C LEU A 187 -32.86 -15.62 -0.81
N ALA A 188 -33.12 -14.36 -0.48
CA ALA A 188 -33.75 -13.98 0.81
C ALA A 188 -35.06 -14.75 1.05
N ALA A 189 -35.92 -14.89 0.03
CA ALA A 189 -37.27 -15.51 0.13
C ALA A 189 -37.17 -17.02 0.30
N ARG A 190 -36.35 -17.64 -0.54
CA ARG A 190 -36.25 -19.12 -0.70
C ARG A 190 -35.54 -19.79 0.48
N TYR A 191 -34.56 -19.11 1.09
CA TYR A 191 -33.65 -19.68 2.11
C TYR A 191 -33.55 -18.75 3.33
N ASP A 192 -33.74 -19.38 4.49
CA ASP A 192 -33.62 -18.80 5.86
C ASP A 192 -32.18 -19.00 6.32
N PHE A 193 -31.25 -18.21 5.80
CA PHE A 193 -29.80 -18.23 6.16
C PHE A 193 -29.50 -17.25 7.30
N ASP A 194 -28.45 -17.52 8.07
CA ASP A 194 -27.95 -16.61 9.13
C ASP A 194 -27.30 -15.38 8.48
N GLY A 195 -26.73 -15.55 7.28
CA GLY A 195 -26.02 -14.45 6.62
C GLY A 195 -25.94 -14.60 5.11
N LEU A 196 -25.89 -13.45 4.45
CA LEU A 196 -25.68 -13.31 2.99
C LEU A 196 -24.29 -12.68 2.79
N GLU A 197 -23.44 -13.32 1.98
CA GLU A 197 -22.07 -12.80 1.74
C GLU A 197 -21.93 -12.38 0.27
N LEU A 198 -21.84 -11.06 0.02
CA LEU A 198 -21.70 -10.54 -1.37
C LEU A 198 -20.29 -10.87 -1.81
N ASP A 199 -20.09 -11.92 -2.60
CA ASP A 199 -18.72 -12.29 -3.05
C ASP A 199 -18.32 -11.42 -4.27
N TRP A 200 -17.78 -10.23 -3.96
CA TRP A 200 -17.31 -9.24 -4.95
C TRP A 200 -16.01 -9.74 -5.56
N MSE A 201 -15.39 -10.77 -4.97
CA MSE A 201 -14.05 -11.19 -5.39
C MSE A 201 -14.11 -12.25 -6.51
O MSE A 201 -13.08 -12.73 -7.01
CB MSE A 201 -13.24 -11.57 -4.15
CG MSE A 201 -12.71 -10.35 -3.41
SE MSE A 201 -11.69 -9.00 -4.49
CE MSE A 201 -10.14 -10.13 -4.96
N ARG A 202 -15.32 -12.59 -6.97
CA ARG A 202 -15.48 -13.24 -8.24
C ARG A 202 -16.12 -12.24 -9.24
N PHE A 203 -15.33 -11.52 -10.05
CA PHE A 203 -13.87 -11.67 -10.20
C PHE A 203 -13.17 -10.38 -9.74
N GLY A 204 -13.86 -9.45 -9.05
CA GLY A 204 -13.29 -8.30 -8.35
C GLY A 204 -13.37 -7.00 -9.13
N PHE A 205 -13.74 -7.08 -10.39
CA PHE A 205 -13.77 -5.99 -11.39
C PHE A 205 -15.20 -5.77 -11.90
N HIS A 206 -15.81 -4.64 -11.53
CA HIS A 206 -17.29 -4.42 -11.66
C HIS A 206 -17.61 -3.10 -12.38
N PHE A 207 -16.61 -2.32 -12.83
CA PHE A 207 -16.84 -0.96 -13.40
C PHE A 207 -15.93 -0.74 -14.61
N ARG A 208 -16.38 0.11 -15.53
CA ARG A 208 -15.58 0.69 -16.65
C ARG A 208 -14.24 1.18 -16.11
N PRO A 209 -13.07 0.83 -16.69
CA PRO A 209 -11.80 1.43 -16.28
C PRO A 209 -11.84 2.96 -16.23
N GLY A 210 -11.54 3.52 -15.08
CA GLY A 210 -11.53 4.98 -14.89
C GLY A 210 -12.77 5.54 -14.19
N TYR A 211 -13.83 4.75 -14.02
CA TYR A 211 -15.07 5.21 -13.33
C TYR A 211 -15.25 4.58 -11.93
N GLU A 212 -14.17 4.17 -11.29
CA GLU A 212 -14.20 3.42 -10.00
C GLU A 212 -14.67 4.31 -8.83
N ALA A 213 -14.37 5.60 -8.88
CA ALA A 213 -14.82 6.61 -7.88
C ALA A 213 -16.35 6.70 -7.86
N GLU A 214 -16.98 6.98 -9.01
CA GLU A 214 -18.46 6.87 -9.09
C GLU A 214 -18.86 5.44 -8.64
N GLY A 215 -18.12 4.41 -9.04
CA GLY A 215 -18.46 3.03 -8.65
C GLY A 215 -18.54 2.81 -7.13
N ALA A 216 -17.60 3.39 -6.36
CA ALA A 216 -17.61 3.31 -4.88
C ALA A 216 -18.98 3.81 -4.38
N GLU A 217 -19.43 4.99 -4.83
CA GLU A 217 -20.75 5.53 -4.41
C GLU A 217 -21.81 4.50 -4.79
N ILE A 218 -21.76 3.98 -6.03
CA ILE A 218 -22.83 3.08 -6.54
C ILE A 218 -22.82 1.81 -5.69
N LEU A 219 -21.63 1.24 -5.35
CA LEU A 219 -21.63 -0.04 -4.59
C LEU A 219 -22.13 0.14 -3.14
N THR A 220 -21.76 1.24 -2.50
CA THR A 220 -22.19 1.65 -1.13
C THR A 220 -23.71 1.77 -1.12
N ALA A 221 -24.30 2.30 -2.19
CA ALA A 221 -25.77 2.52 -2.30
C ALA A 221 -26.47 1.16 -2.54
N PHE A 222 -26.00 0.35 -3.49
CA PHE A 222 -26.41 -1.08 -3.66
C PHE A 222 -26.37 -1.83 -2.31
N THR A 223 -25.23 -1.78 -1.59
CA THR A 223 -25.09 -2.50 -0.29
C THR A 223 -26.23 -2.05 0.65
N ALA A 224 -26.49 -0.74 0.76
CA ALA A 224 -27.56 -0.18 1.63
C ALA A 224 -28.92 -0.79 1.27
N GLU A 225 -29.21 -0.96 -0.03
CA GLU A 225 -30.50 -1.54 -0.50
C GLU A 225 -30.56 -3.01 -0.03
N VAL A 226 -29.48 -3.79 -0.19
CA VAL A 226 -29.34 -5.21 0.30
C VAL A 226 -29.62 -5.25 1.81
N ARG A 227 -28.91 -4.49 2.64
CA ARG A 227 -29.12 -4.42 4.12
C ARG A 227 -30.57 -4.03 4.44
N ARG A 228 -31.19 -3.09 3.71
CA ARG A 228 -32.62 -2.70 3.98
C ARG A 228 -33.52 -3.93 3.73
N LEU A 229 -33.31 -4.61 2.60
CA LEU A 229 -34.11 -5.83 2.27
C LEU A 229 -34.03 -6.82 3.43
N LEU A 230 -32.82 -7.15 3.92
CA LEU A 230 -32.64 -8.23 4.93
C LEU A 230 -33.25 -7.80 6.27
N ASP A 231 -33.23 -6.50 6.59
CA ASP A 231 -33.91 -5.93 7.80
C ASP A 231 -35.38 -6.32 7.78
N ASP A 232 -36.00 -6.28 6.61
CA ASP A 232 -37.43 -6.65 6.40
C ASP A 232 -37.61 -8.16 6.61
N TRP A 233 -36.66 -9.00 6.17
CA TRP A 233 -36.74 -10.47 6.37
C TRP A 233 -36.44 -10.86 7.82
N GLU A 234 -35.64 -10.10 8.56
CA GLU A 234 -35.43 -10.35 10.02
C GLU A 234 -36.79 -10.48 10.71
N LYS A 235 -37.75 -9.60 10.40
CA LYS A 235 -39.08 -9.57 11.07
C LYS A 235 -39.88 -10.82 10.68
N ARG A 236 -40.10 -11.04 9.39
CA ARG A 236 -40.69 -12.29 8.83
C ARG A 236 -39.99 -13.53 9.43
N ARG A 237 -38.65 -13.54 9.54
CA ARG A 237 -37.86 -14.73 9.96
C ARG A 237 -37.71 -14.83 11.49
N GLY A 238 -37.80 -13.72 12.23
CA GLY A 238 -37.69 -13.67 13.70
C GLY A 238 -36.29 -13.95 14.20
N HIS A 239 -35.26 -13.59 13.45
CA HIS A 239 -33.86 -13.65 13.94
C HIS A 239 -33.04 -12.69 13.10
N LYS A 240 -31.95 -12.18 13.67
CA LYS A 240 -31.01 -11.27 12.99
C LYS A 240 -30.46 -11.99 11.76
N ILE A 241 -30.23 -11.23 10.69
CA ILE A 241 -29.61 -11.74 9.42
C ILE A 241 -28.38 -10.86 9.16
N HIS A 242 -27.22 -11.48 8.99
CA HIS A 242 -25.92 -10.79 8.75
C HIS A 242 -25.77 -10.45 7.27
N LEU A 243 -24.91 -9.48 6.95
CA LEU A 243 -24.46 -9.16 5.58
C LEU A 243 -22.95 -8.99 5.68
N GLY A 244 -22.21 -9.77 4.91
CA GLY A 244 -20.75 -9.64 4.73
C GLY A 244 -20.38 -9.48 3.28
N ALA A 245 -19.11 -9.18 3.01
CA ALA A 245 -18.58 -9.04 1.63
C ALA A 245 -17.11 -9.44 1.59
N ARG A 246 -16.71 -9.97 0.45
CA ARG A 246 -15.31 -10.25 0.11
C ARG A 246 -14.80 -9.05 -0.69
N ILE A 247 -13.60 -8.55 -0.39
CA ILE A 247 -12.95 -7.33 -0.96
C ILE A 247 -11.45 -7.60 -1.10
N PRO A 248 -10.68 -6.72 -1.76
CA PRO A 248 -9.22 -6.92 -1.86
C PRO A 248 -8.44 -6.82 -0.55
N SER A 249 -7.16 -7.19 -0.59
CA SER A 249 -6.30 -7.49 0.58
C SER A 249 -5.69 -6.19 1.14
N ARG A 250 -5.50 -5.16 0.33
CA ARG A 250 -4.93 -3.85 0.78
C ARG A 250 -6.05 -2.81 0.64
N PRO A 251 -6.16 -1.82 1.54
CA PRO A 251 -7.19 -0.77 1.42
C PRO A 251 -7.16 0.21 0.24
N ALA A 252 -5.99 0.57 -0.31
CA ALA A 252 -5.91 1.39 -1.55
C ALA A 252 -6.47 0.59 -2.74
N THR A 253 -6.16 -0.69 -2.88
CA THR A 253 -6.70 -1.48 -4.03
C THR A 253 -8.23 -1.62 -3.91
N ALA A 254 -8.74 -1.78 -2.70
CA ALA A 254 -10.18 -2.00 -2.44
C ALA A 254 -10.94 -0.76 -2.95
N LEU A 255 -10.45 0.42 -2.56
CA LEU A 255 -11.14 1.69 -2.91
C LEU A 255 -10.99 1.89 -4.44
N GLY A 256 -9.79 1.64 -4.95
CA GLY A 256 -9.46 1.71 -6.37
C GLY A 256 -10.28 0.82 -7.26
N LEU A 257 -10.86 -0.28 -6.72
CA LEU A 257 -11.85 -1.17 -7.42
C LEU A 257 -13.29 -0.84 -6.97
N GLY A 258 -13.54 0.36 -6.46
CA GLY A 258 -14.86 0.93 -6.16
C GLY A 258 -15.51 0.31 -4.92
N MSE A 259 -14.70 -0.24 -3.99
CA MSE A 259 -15.17 -0.89 -2.76
C MSE A 259 -14.62 -0.10 -1.56
O MSE A 259 -13.51 -0.37 -1.14
CB MSE A 259 -14.76 -2.36 -2.74
CG MSE A 259 -15.52 -3.30 -3.76
SE MSE A 259 -14.83 -5.17 -3.94
CE MSE A 259 -13.58 -4.87 -5.44
N ASP A 260 -15.40 0.88 -1.07
CA ASP A 260 -15.12 1.68 0.12
C ASP A 260 -15.79 1.04 1.35
N ALA A 261 -15.11 0.06 1.94
CA ALA A 261 -15.72 -0.83 2.96
C ALA A 261 -15.76 -0.07 4.28
N VAL A 262 -14.88 0.91 4.47
CA VAL A 262 -14.81 1.67 5.76
C VAL A 262 -16.16 2.36 5.92
N THR A 263 -16.66 2.97 4.82
CA THR A 263 -17.99 3.57 4.78
C THR A 263 -19.05 2.47 5.02
N TRP A 264 -19.00 1.30 4.37
CA TRP A 264 -20.06 0.25 4.56
C TRP A 264 -20.11 -0.09 6.06
N ALA A 265 -18.93 -0.33 6.66
CA ALA A 265 -18.76 -0.63 8.11
C ALA A 265 -19.33 0.50 8.98
N ARG A 266 -18.91 1.75 8.78
CA ARG A 266 -19.29 2.90 9.65
C ARG A 266 -20.79 3.16 9.56
N ARG A 267 -21.41 2.90 8.41
CA ARG A 267 -22.86 3.15 8.22
C ARG A 267 -23.69 1.93 8.69
N GLY A 268 -23.09 0.91 9.29
CA GLY A 268 -23.75 -0.36 9.71
C GLY A 268 -24.40 -1.14 8.56
N LEU A 269 -23.82 -1.14 7.36
CA LEU A 269 -24.41 -1.91 6.22
C LEU A 269 -23.88 -3.35 6.24
N VAL A 270 -22.62 -3.57 6.60
CA VAL A 270 -22.01 -4.93 6.68
C VAL A 270 -21.53 -5.20 8.12
N ASP A 271 -21.49 -6.48 8.50
CA ASP A 271 -20.97 -6.86 9.84
C ASP A 271 -19.86 -7.90 9.73
N MSE A 272 -19.44 -8.21 8.49
CA MSE A 272 -18.25 -9.02 8.27
C MSE A 272 -17.57 -8.66 6.94
O MSE A 272 -18.21 -8.43 5.93
CB MSE A 272 -18.63 -10.49 8.32
CG MSE A 272 -17.46 -11.42 8.49
SE MSE A 272 -18.10 -13.25 8.03
CE MSE A 272 -16.68 -14.08 6.98
N LEU A 273 -16.23 -8.59 6.95
CA LEU A 273 -15.47 -8.30 5.75
C LEU A 273 -14.38 -9.37 5.63
N VAL A 274 -14.15 -9.85 4.42
CA VAL A 274 -13.21 -10.98 4.15
C VAL A 274 -12.18 -10.41 3.18
N ILE A 275 -10.98 -10.16 3.66
CA ILE A 275 -9.90 -9.56 2.83
C ILE A 275 -9.22 -10.76 2.19
N THR A 276 -8.98 -10.73 0.92
CA THR A 276 -8.58 -11.95 0.20
C THR A 276 -8.00 -11.60 -1.17
N PRO A 277 -7.10 -12.47 -1.66
CA PRO A 277 -6.71 -12.49 -3.05
C PRO A 277 -7.87 -13.10 -3.86
N PHE A 278 -7.79 -12.91 -5.15
CA PHE A 278 -8.66 -13.52 -6.16
C PHE A 278 -8.42 -15.03 -6.25
N TRP A 279 -7.21 -15.48 -6.57
CA TRP A 279 -7.01 -16.91 -7.00
C TRP A 279 -5.55 -17.40 -7.11
N ALA A 280 -4.71 -16.59 -7.76
CA ALA A 280 -3.42 -17.03 -8.34
C ALA A 280 -2.49 -17.54 -7.22
N SER A 281 -2.62 -17.04 -5.99
CA SER A 281 -1.92 -17.56 -4.78
C SER A 281 -2.59 -17.00 -3.54
N ALA A 282 -2.43 -17.71 -2.42
CA ALA A 282 -2.93 -17.27 -1.10
C ALA A 282 -1.87 -16.33 -0.50
N GLU A 283 -2.26 -15.10 -0.17
CA GLU A 283 -1.33 -14.08 0.35
C GLU A 283 -1.05 -14.44 1.81
N THR A 284 0.24 -14.64 2.12
CA THR A 284 0.76 -15.05 3.44
C THR A 284 0.99 -13.75 4.22
N ASP A 285 1.03 -12.62 3.50
CA ASP A 285 1.24 -11.25 4.02
C ASP A 285 0.07 -10.34 3.59
N MSE A 286 -0.74 -9.95 4.57
CA MSE A 286 -1.79 -8.97 4.34
C MSE A 286 -1.83 -7.99 5.51
O MSE A 286 -1.76 -8.41 6.68
CB MSE A 286 -3.13 -9.70 4.20
CG MSE A 286 -3.24 -10.50 2.93
SE MSE A 286 -5.03 -11.26 2.53
CE MSE A 286 -5.17 -12.62 3.98
N PRO A 287 -2.01 -6.68 5.25
CA PRO A 287 -1.98 -5.67 6.34
C PRO A 287 -3.22 -5.62 7.26
N VAL A 288 -3.50 -6.73 7.96
CA VAL A 288 -4.63 -6.93 8.93
C VAL A 288 -4.67 -5.74 9.92
N GLU A 289 -3.52 -5.38 10.51
CA GLU A 289 -3.44 -4.33 11.57
C GLU A 289 -4.03 -2.99 11.04
N ILE A 290 -3.70 -2.64 9.80
CA ILE A 290 -4.24 -1.41 9.18
C ILE A 290 -5.77 -1.53 9.10
N TRP A 291 -6.32 -2.66 8.59
CA TRP A 291 -7.79 -2.85 8.49
C TRP A 291 -8.43 -2.77 9.89
N ARG A 292 -7.81 -3.38 10.90
CA ARG A 292 -8.34 -3.31 12.27
C ARG A 292 -8.48 -1.85 12.70
N GLN A 293 -7.48 -1.01 12.38
CA GLN A 293 -7.49 0.43 12.77
C GLN A 293 -8.58 1.12 11.96
N LEU A 294 -8.62 0.84 10.67
CA LEU A 294 -9.70 1.41 9.83
C LEU A 294 -11.09 1.04 10.36
N LEU A 295 -11.31 -0.13 10.98
CA LEU A 295 -12.65 -0.70 11.29
C LEU A 295 -13.01 -0.59 12.81
N GLU A 296 -12.12 0.05 13.58
CA GLU A 296 -12.25 0.27 15.04
C GLU A 296 -13.58 0.96 15.36
N GLY A 297 -14.42 0.34 16.19
CA GLY A 297 -15.67 0.93 16.67
C GLY A 297 -16.90 0.56 15.84
N THR A 298 -16.75 -0.09 14.68
CA THR A 298 -17.85 -0.36 13.71
C THR A 298 -18.62 -1.68 13.97
N GLY A 299 -18.10 -2.60 14.80
CA GLY A 299 -18.74 -3.91 15.11
C GLY A 299 -18.66 -4.92 13.97
N VAL A 300 -17.70 -4.75 13.07
CA VAL A 300 -17.45 -5.64 11.92
C VAL A 300 -16.39 -6.65 12.35
N THR A 301 -16.66 -7.94 12.15
CA THR A 301 -15.68 -9.06 12.16
C THR A 301 -14.79 -9.00 10.91
N LEU A 302 -13.46 -8.95 11.10
CA LEU A 302 -12.50 -9.02 9.98
C LEU A 302 -11.97 -10.44 9.82
N ALA A 303 -12.24 -11.07 8.65
CA ALA A 303 -11.82 -12.41 8.25
C ALA A 303 -10.71 -12.26 7.24
N ALA A 304 -9.64 -13.05 7.37
CA ALA A 304 -8.51 -13.07 6.41
C ALA A 304 -8.66 -14.32 5.52
N GLY A 305 -8.82 -14.10 4.21
CA GLY A 305 -9.07 -15.11 3.19
C GLY A 305 -7.80 -15.77 2.68
N LEU A 306 -7.76 -17.10 2.72
CA LEU A 306 -6.72 -17.94 2.10
C LEU A 306 -7.26 -18.54 0.79
N GLU A 307 -6.44 -18.55 -0.27
CA GLU A 307 -6.71 -19.35 -1.48
C GLU A 307 -5.84 -20.62 -1.42
N VAL A 308 -6.19 -21.66 -2.19
CA VAL A 308 -5.56 -23.01 -2.13
C VAL A 308 -4.16 -22.96 -2.78
N LEU A 309 -4.03 -22.25 -3.89
CA LEU A 309 -2.72 -22.19 -4.58
C LEU A 309 -1.68 -21.51 -3.68
N LEU A 310 -0.43 -21.94 -3.82
CA LEU A 310 0.70 -21.20 -3.19
C LEU A 310 1.82 -21.06 -4.19
N ARG A 311 2.01 -19.85 -4.74
CA ARG A 311 2.92 -19.61 -5.90
C ARG A 311 3.80 -18.40 -5.63
N PRO A 312 5.10 -18.38 -6.04
CA PRO A 312 6.06 -17.35 -5.58
C PRO A 312 5.97 -16.00 -6.31
N TYR A 313 5.62 -16.02 -7.58
CA TYR A 313 5.48 -14.80 -8.43
C TYR A 313 4.44 -15.10 -9.53
N PRO A 314 3.77 -14.07 -10.11
CA PRO A 314 2.65 -14.28 -11.04
C PRO A 314 2.98 -15.05 -12.33
N ASP A 315 4.20 -14.89 -12.83
CA ASP A 315 4.66 -15.60 -14.05
C ASP A 315 5.21 -16.98 -13.73
N SER A 316 5.13 -17.49 -12.50
CA SER A 316 5.75 -18.82 -12.21
C SER A 316 4.93 -19.91 -12.91
N PRO A 317 5.58 -20.95 -13.49
CA PRO A 317 4.83 -22.09 -14.05
C PRO A 317 4.41 -23.12 -12.99
N LEU A 318 4.76 -22.94 -11.71
CA LEU A 318 4.38 -23.87 -10.62
C LEU A 318 2.90 -23.61 -10.31
N PHE A 319 2.10 -24.67 -10.17
CA PHE A 319 0.68 -24.57 -9.71
C PHE A 319 0.46 -25.63 -8.62
N GLN A 320 1.16 -25.50 -7.50
CA GLN A 320 0.96 -26.42 -6.35
C GLN A 320 0.12 -25.65 -5.34
N THR A 321 -0.52 -26.41 -4.48
CA THR A 321 -1.43 -25.90 -3.45
C THR A 321 -0.67 -25.87 -2.14
N ASN A 322 -1.28 -25.19 -1.17
CA ASN A 322 -0.84 -25.20 0.24
C ASN A 322 -0.94 -26.62 0.82
N SER A 323 -0.15 -26.82 1.85
CA SER A 323 -0.09 -28.05 2.65
C SER A 323 -0.51 -27.72 4.10
N LEU A 324 -0.68 -28.72 4.94
CA LEU A 324 -1.02 -28.46 6.36
C LEU A 324 0.00 -27.46 6.96
N GLU A 325 1.31 -27.63 6.70
CA GLU A 325 2.39 -26.78 7.30
C GLU A 325 2.29 -25.33 6.82
N THR A 326 2.02 -25.11 5.52
CA THR A 326 2.00 -23.76 4.91
C THR A 326 0.72 -23.06 5.37
N VAL A 327 -0.40 -23.78 5.57
CA VAL A 327 -1.66 -23.17 6.07
C VAL A 327 -1.52 -22.83 7.57
N ARG A 328 -0.88 -23.69 8.34
CA ARG A 328 -0.45 -23.40 9.73
C ARG A 328 0.41 -22.12 9.76
N GLY A 329 1.27 -21.91 8.77
CA GLY A 329 2.14 -20.72 8.74
C GLY A 329 1.34 -19.43 8.54
N ALA A 330 0.44 -19.43 7.55
CA ALA A 330 -0.41 -18.28 7.14
C ALA A 330 -1.42 -17.92 8.25
N ALA A 331 -2.07 -18.97 8.81
CA ALA A 331 -3.04 -18.91 9.92
C ALA A 331 -2.42 -18.25 11.15
N ALA A 332 -1.30 -18.77 11.64
CA ALA A 332 -0.57 -18.23 12.82
C ALA A 332 -0.23 -16.76 12.59
N SER A 333 0.26 -16.45 11.38
CA SER A 333 0.68 -15.09 10.97
C SER A 333 -0.54 -14.19 11.10
N LEU A 334 -1.59 -14.55 10.37
CA LEU A 334 -2.77 -13.67 10.24
C LEU A 334 -3.46 -13.56 11.60
N LEU A 335 -3.57 -14.64 12.37
CA LEU A 335 -4.28 -14.53 13.68
C LEU A 335 -3.45 -13.64 14.59
N ASP A 336 -2.11 -13.72 14.48
CA ASP A 336 -1.18 -12.96 15.34
C ASP A 336 -1.38 -11.47 15.06
N ARG A 337 -1.77 -11.11 13.83
CA ARG A 337 -1.87 -9.70 13.36
C ARG A 337 -3.25 -9.14 13.65
N GLY A 338 -4.17 -9.98 14.16
CA GLY A 338 -5.49 -9.55 14.65
C GLY A 338 -6.67 -10.05 13.80
N ALA A 339 -6.52 -11.08 12.95
CA ALA A 339 -7.68 -11.66 12.21
C ALA A 339 -8.69 -12.25 13.20
N GLN A 340 -9.99 -11.95 13.03
CA GLN A 340 -11.08 -12.40 13.95
C GLN A 340 -11.72 -13.67 13.37
N ARG A 341 -11.23 -14.08 12.18
CA ARG A 341 -11.63 -15.32 11.49
C ARG A 341 -10.61 -15.69 10.39
N ILE A 342 -10.23 -16.98 10.26
CA ILE A 342 -9.59 -17.55 9.04
C ILE A 342 -10.67 -18.02 8.03
N TYR A 343 -10.67 -17.44 6.81
CA TYR A 343 -11.63 -17.78 5.72
C TYR A 343 -10.89 -18.62 4.66
N LEU A 344 -11.45 -19.80 4.32
CA LEU A 344 -10.85 -20.75 3.34
C LEU A 344 -11.78 -20.82 2.15
N PHE A 345 -11.27 -20.32 1.04
CA PHE A 345 -11.93 -20.47 -0.29
C PHE A 345 -11.12 -21.55 -1.01
N ASN A 346 -11.81 -22.43 -1.73
CA ASN A 346 -11.23 -23.49 -2.58
C ASN A 346 -10.57 -24.58 -1.74
N TYR A 347 -10.87 -24.67 -0.44
CA TYR A 347 -10.42 -25.82 0.40
C TYR A 347 -11.59 -26.78 0.62
N MSE A 348 -11.84 -27.62 -0.38
CA MSE A 348 -13.02 -28.46 -0.38
C MSE A 348 -12.63 -29.93 -0.14
O MSE A 348 -11.44 -30.23 -0.02
CB MSE A 348 -13.79 -28.17 -1.67
CG MSE A 348 -14.66 -26.93 -1.55
SE MSE A 348 -15.43 -26.34 -3.26
CE MSE A 348 -14.07 -25.26 -4.26
N ASP A 349 -13.63 -30.83 -0.08
CA ASP A 349 -13.39 -32.20 0.39
C ASP A 349 -12.81 -33.09 -0.71
N SER A 350 -12.53 -32.58 -1.92
CA SER A 350 -12.11 -33.39 -3.10
C SER A 350 -11.93 -32.47 -4.32
N GLN A 351 -11.07 -32.87 -5.29
CA GLN A 351 -10.85 -32.23 -6.63
C GLN A 351 -10.21 -30.84 -6.47
N THR A 352 -10.97 -29.78 -6.16
CA THR A 352 -10.45 -28.45 -5.74
C THR A 352 -10.13 -28.44 -4.23
N ALA A 353 -8.89 -28.67 -3.87
CA ALA A 353 -8.56 -29.03 -2.48
C ALA A 353 -7.05 -29.07 -2.31
N MSE A 354 -6.63 -29.16 -1.04
CA MSE A 354 -5.22 -29.25 -0.68
C MSE A 354 -4.73 -30.58 -1.23
O MSE A 354 -5.49 -31.54 -1.32
CB MSE A 354 -5.05 -29.10 0.84
CG MSE A 354 -5.39 -30.33 1.64
SE MSE A 354 -5.87 -29.95 3.52
CE MSE A 354 -6.88 -28.30 3.56
N GLU A 355 -3.46 -30.65 -1.65
CA GLU A 355 -2.97 -31.89 -2.22
C GLU A 355 -2.78 -32.94 -1.11
N ASP A 356 -2.44 -32.55 0.13
CA ASP A 356 -2.25 -33.49 1.27
C ASP A 356 -3.59 -33.66 1.98
N LEU A 357 -4.56 -34.23 1.26
CA LEU A 357 -5.99 -34.28 1.63
C LEU A 357 -6.21 -35.03 2.93
N GLU A 358 -5.40 -36.03 3.27
CA GLU A 358 -5.49 -36.80 4.56
C GLU A 358 -5.42 -35.86 5.77
N ASN A 359 -4.81 -34.68 5.59
CA ASN A 359 -4.59 -33.68 6.66
C ASN A 359 -5.82 -32.79 6.84
N TYR A 360 -6.88 -32.94 6.00
CA TYR A 360 -8.06 -32.03 5.98
C TYR A 360 -8.71 -32.00 7.35
N PRO A 361 -8.99 -33.17 8.00
CA PRO A 361 -9.67 -33.16 9.30
C PRO A 361 -8.79 -32.43 10.34
N THR A 362 -7.49 -32.72 10.37
CA THR A 362 -6.47 -32.06 11.24
C THR A 362 -6.50 -30.55 11.02
N LEU A 363 -6.62 -30.09 9.76
CA LEU A 363 -6.57 -28.64 9.44
C LEU A 363 -7.79 -27.94 10.06
N LEU A 364 -8.98 -28.53 9.91
CA LEU A 364 -10.27 -27.96 10.35
C LEU A 364 -10.36 -27.86 11.90
N ARG A 365 -9.40 -28.47 12.59
CA ARG A 365 -9.38 -28.50 14.07
C ARG A 365 -8.15 -27.77 14.61
N GLU A 366 -7.34 -27.08 13.79
CA GLU A 366 -6.10 -26.40 14.30
C GLU A 366 -6.09 -24.88 14.01
N ILE A 367 -6.36 -24.46 12.76
CA ILE A 367 -5.97 -23.12 12.19
C ILE A 367 -6.92 -21.99 12.67
N GLY A 368 -7.99 -22.32 13.42
CA GLY A 368 -8.89 -21.29 13.94
C GLY A 368 -8.43 -20.75 15.30
N SER A 369 -7.23 -21.10 15.79
CA SER A 369 -6.77 -20.60 17.10
C SER A 369 -5.24 -20.66 17.24
N LEU A 370 -4.65 -19.65 17.89
CA LEU A 370 -3.19 -19.70 18.16
C LEU A 370 -2.84 -20.85 19.14
N GLU A 371 -3.72 -21.19 20.10
CA GLU A 371 -3.38 -22.24 21.11
C GLU A 371 -3.27 -23.62 20.43
N THR A 372 -4.06 -23.89 19.38
CA THR A 372 -4.06 -25.20 18.68
C THR A 372 -2.89 -25.29 17.70
N LEU A 373 -2.41 -24.16 17.15
CA LEU A 373 -1.25 -24.12 16.21
C LEU A 373 0.08 -24.19 16.99
N ALA A 374 0.07 -23.78 18.27
CA ALA A 374 1.27 -23.59 19.12
C ALA A 374 2.09 -24.90 19.18
N GLY A 375 3.40 -24.83 18.90
CA GLY A 375 4.32 -25.99 18.98
C GLY A 375 4.06 -27.07 17.93
N LYS A 376 3.41 -26.72 16.81
CA LYS A 376 3.29 -27.58 15.61
C LYS A 376 4.10 -26.95 14.47
N PRO A 377 4.80 -27.78 13.66
CA PRO A 377 5.68 -27.29 12.60
C PRO A 377 4.93 -26.48 11.52
N ARG A 378 5.56 -25.40 11.06
CA ARG A 378 4.94 -24.39 10.16
C ARG A 378 5.97 -23.79 9.19
N ARG A 379 5.45 -23.25 8.10
CA ARG A 379 6.21 -22.83 6.90
C ARG A 379 5.64 -21.47 6.53
N HIS A 380 6.48 -20.43 6.49
CA HIS A 380 6.06 -19.05 6.15
C HIS A 380 6.68 -18.68 4.78
N VAL A 381 5.94 -18.85 3.69
CA VAL A 381 6.43 -18.70 2.28
C VAL A 381 6.11 -17.29 1.79
N LEU A 382 7.13 -16.64 1.21
CA LEU A 382 6.98 -15.36 0.45
C LEU A 382 6.15 -15.63 -0.83
N THR A 383 5.05 -14.89 -1.00
CA THR A 383 4.25 -14.80 -2.25
C THR A 383 4.01 -13.32 -2.62
N PHE A 384 2.78 -12.95 -2.96
CA PHE A 384 2.44 -11.79 -3.82
C PHE A 384 0.92 -11.60 -3.91
N ALA A 385 0.57 -10.34 -4.11
CA ALA A 385 -0.81 -9.83 -4.29
C ALA A 385 -1.14 -9.91 -5.78
N ASP A 386 -2.17 -10.70 -6.11
CA ASP A 386 -2.55 -10.96 -7.53
C ASP A 386 -3.47 -9.84 -8.05
N THR A 387 -4.10 -9.02 -7.18
CA THR A 387 -5.19 -8.06 -7.57
C THR A 387 -4.80 -6.60 -7.26
N TRP A 388 -4.75 -5.76 -8.30
CA TRP A 388 -4.41 -4.32 -8.28
C TRP A 388 -5.46 -3.58 -9.12
N ALA A 389 -5.77 -2.36 -8.72
CA ALA A 389 -6.73 -1.55 -9.46
C ALA A 389 -6.06 -1.16 -10.78
N PRO A 390 -6.86 -0.99 -11.85
CA PRO A 390 -6.34 -0.59 -13.14
C PRO A 390 -5.42 0.63 -12.98
N GLY A 391 -4.17 0.48 -13.47
CA GLY A 391 -3.07 1.46 -13.51
C GLY A 391 -2.37 1.70 -12.18
N GLU A 392 -2.78 0.96 -11.15
CA GLU A 392 -2.19 1.08 -9.78
C GLU A 392 -0.81 0.42 -9.76
N PRO A 393 0.24 1.10 -9.27
CA PRO A 393 1.59 0.52 -9.22
C PRO A 393 1.60 -0.83 -8.49
N ARG A 394 2.30 -1.82 -9.04
CA ARG A 394 2.37 -3.17 -8.44
C ARG A 394 3.69 -3.42 -7.67
N ALA A 395 3.57 -3.97 -6.47
CA ALA A 395 4.72 -4.37 -5.63
C ALA A 395 4.78 -5.90 -5.56
N ILE A 396 5.76 -6.48 -6.26
CA ILE A 396 6.04 -7.94 -6.38
C ILE A 396 7.46 -8.26 -5.90
N PRO A 397 7.65 -8.92 -4.72
CA PRO A 397 8.99 -9.25 -4.22
C PRO A 397 9.86 -10.14 -5.13
N LEU A 398 9.27 -11.20 -5.71
CA LEU A 398 10.02 -12.26 -6.42
C LEU A 398 9.68 -12.27 -7.91
N PRO A 399 10.58 -12.70 -8.81
CA PRO A 399 11.96 -13.06 -8.50
C PRO A 399 12.84 -11.80 -8.24
N ALA A 400 13.99 -12.02 -7.60
CA ALA A 400 14.91 -10.95 -7.09
C ALA A 400 16.36 -11.28 -7.46
N THR A 401 16.98 -10.42 -8.26
CA THR A 401 18.40 -10.50 -8.66
C THR A 401 19.27 -9.78 -7.62
N CYS A 402 20.41 -10.36 -7.30
CA CYS A 402 21.47 -9.76 -6.46
C CYS A 402 22.79 -9.81 -7.26
N ARG A 403 23.34 -8.65 -7.61
CA ARG A 403 24.63 -8.53 -8.34
C ARG A 403 25.73 -8.61 -7.28
N PRO A 404 26.97 -8.91 -7.72
CA PRO A 404 28.10 -9.06 -6.81
C PRO A 404 28.31 -7.83 -5.91
N GLY A 405 28.38 -8.06 -4.60
CA GLY A 405 28.61 -6.98 -3.62
C GLY A 405 27.35 -6.20 -3.24
N GLU A 406 26.20 -6.44 -3.90
CA GLU A 406 24.88 -5.78 -3.58
C GLU A 406 24.22 -6.55 -2.43
N TRP A 407 23.28 -5.89 -1.72
CA TRP A 407 22.39 -6.44 -0.66
C TRP A 407 20.92 -6.45 -1.12
N ARG A 408 20.22 -7.55 -0.84
CA ARG A 408 18.77 -7.72 -1.03
C ARG A 408 18.15 -8.13 0.31
N ALA A 409 17.02 -7.53 0.65
CA ALA A 409 16.23 -7.91 1.85
C ALA A 409 14.82 -8.45 1.47
N PHE A 410 14.26 -9.35 2.30
CA PHE A 410 12.90 -9.96 2.17
C PHE A 410 12.24 -10.00 3.56
N ARG A 411 11.12 -9.31 3.79
CA ARG A 411 10.51 -9.39 5.13
C ARG A 411 9.36 -10.38 5.01
N LEU A 412 9.32 -11.31 5.94
CA LEU A 412 8.32 -12.39 5.93
C LEU A 412 7.64 -12.34 7.29
N HIS A 413 6.30 -12.36 7.28
CA HIS A 413 5.50 -12.36 8.53
C HIS A 413 5.40 -13.78 9.07
N THR A 414 6.06 -14.05 10.18
CA THR A 414 6.11 -15.40 10.85
C THR A 414 5.32 -15.35 12.16
N GLY A 415 4.48 -14.33 12.38
CA GLY A 415 3.52 -14.29 13.53
C GLY A 415 4.16 -14.51 14.91
N PRO A 416 3.63 -15.44 15.75
CA PRO A 416 4.13 -15.61 17.12
C PRO A 416 5.61 -16.00 17.13
N LYS A 417 6.34 -15.41 18.06
CA LYS A 417 7.75 -15.70 18.41
C LYS A 417 7.87 -17.23 18.50
N PRO A 418 8.89 -17.87 17.89
CA PRO A 418 8.99 -19.33 17.88
C PRO A 418 9.21 -19.95 19.27
N GLU A 419 8.61 -21.12 19.47
CA GLU A 419 8.83 -21.92 20.70
C GLU A 419 10.24 -22.51 20.61
N PRO A 420 10.77 -23.08 21.71
CA PRO A 420 12.09 -23.72 21.68
C PRO A 420 12.12 -24.83 20.60
N GLY A 421 13.11 -24.76 19.69
CA GLY A 421 13.22 -25.63 18.50
C GLY A 421 14.06 -25.02 17.40
N GLU A 422 13.97 -25.56 16.18
CA GLU A 422 14.83 -25.20 15.01
C GLU A 422 14.10 -24.16 14.13
N VAL A 423 14.81 -23.13 13.67
CA VAL A 423 14.34 -22.18 12.63
C VAL A 423 15.34 -22.16 11.45
N ILE A 424 14.84 -22.48 10.25
CA ILE A 424 15.61 -22.44 8.97
C ILE A 424 15.09 -21.27 8.13
N ALA A 425 15.98 -20.48 7.52
CA ALA A 425 15.68 -19.58 6.38
C ALA A 425 16.06 -20.34 5.11
N ALA A 426 15.16 -20.46 4.13
CA ALA A 426 15.36 -21.23 2.88
C ALA A 426 15.28 -20.30 1.67
N LEU A 427 16.21 -20.40 0.71
CA LEU A 427 16.27 -19.53 -0.49
C LEU A 427 16.48 -20.38 -1.74
N GLY A 428 15.49 -20.32 -2.64
CA GLY A 428 15.59 -20.97 -3.96
C GLY A 428 16.20 -20.05 -4.99
N ILE A 429 17.16 -20.58 -5.75
CA ILE A 429 18.04 -19.84 -6.71
C ILE A 429 17.64 -20.30 -8.10
N GLU A 430 17.20 -19.41 -9.00
CA GLU A 430 16.71 -19.73 -10.39
C GLU A 430 17.84 -19.54 -11.41
N GLY A 431 17.82 -20.34 -12.48
CA GLY A 431 18.90 -20.43 -13.49
C GLY A 431 19.84 -21.59 -13.20
N ALA A 434 24.70 -23.09 -9.16
CA ALA A 434 26.14 -22.82 -9.43
C ALA A 434 26.77 -22.03 -8.27
N ILE A 435 26.31 -22.22 -7.02
CA ILE A 435 26.86 -21.51 -5.83
C ILE A 435 27.71 -22.47 -4.97
N GLY A 436 28.69 -21.93 -4.26
CA GLY A 436 29.37 -22.58 -3.13
C GLY A 436 28.77 -22.15 -1.78
N PRO A 437 29.29 -22.71 -0.66
CA PRO A 437 28.84 -22.32 0.68
C PRO A 437 29.15 -20.88 1.11
N GLU A 438 30.08 -20.19 0.43
CA GLU A 438 30.49 -18.80 0.81
C GLU A 438 29.97 -17.82 -0.24
N THR A 439 29.20 -18.26 -1.22
CA THR A 439 28.63 -17.36 -2.29
C THR A 439 27.63 -16.41 -1.63
N LEU A 440 26.85 -16.89 -0.67
CA LEU A 440 25.82 -16.11 0.05
C LEU A 440 26.22 -15.85 1.50
N GLU A 441 26.06 -14.61 1.94
CA GLU A 441 26.09 -14.25 3.38
C GLU A 441 24.64 -13.96 3.76
N VAL A 442 24.12 -14.72 4.72
CA VAL A 442 22.70 -14.58 5.12
C VAL A 442 22.65 -14.10 6.56
N ARG A 443 21.92 -13.01 6.77
CA ARG A 443 21.61 -12.52 8.14
C ARG A 443 20.08 -12.50 8.33
N VAL A 444 19.62 -12.83 9.53
CA VAL A 444 18.22 -12.65 9.98
C VAL A 444 18.25 -11.66 11.14
N ASN A 445 17.60 -10.50 10.95
CA ASN A 445 17.54 -9.38 11.93
C ASN A 445 18.97 -9.01 12.36
N GLY A 446 19.90 -8.97 11.41
CA GLY A 446 21.28 -8.55 11.67
C GLY A 446 22.21 -9.73 11.95
N GLU A 447 21.66 -10.90 12.34
CA GLU A 447 22.46 -12.03 12.89
C GLU A 447 22.88 -13.00 11.77
N LEU A 448 24.14 -13.41 11.76
CA LEU A 448 24.70 -14.35 10.78
C LEU A 448 24.00 -15.71 10.93
N CYS A 449 23.56 -16.29 9.81
CA CYS A 449 22.94 -17.62 9.71
C CYS A 449 23.96 -18.58 9.10
N ALA A 450 24.16 -19.75 9.70
CA ALA A 450 25.06 -20.79 9.18
C ALA A 450 24.42 -21.54 8.00
N PHE A 451 25.17 -21.67 6.90
CA PHE A 451 24.93 -22.55 5.74
C PHE A 451 24.64 -23.98 6.21
N LEU A 452 23.57 -24.60 5.69
CA LEU A 452 23.15 -26.00 6.02
C LEU A 452 23.30 -26.92 4.80
N GLY A 453 23.36 -26.32 3.62
CA GLY A 453 23.35 -27.06 2.34
C GLY A 453 21.97 -27.17 1.75
N LEU A 454 21.80 -28.00 0.72
CA LEU A 454 20.53 -28.15 -0.04
C LEU A 454 19.42 -28.70 0.88
N VAL A 455 18.19 -28.25 0.72
CA VAL A 455 17.05 -28.63 1.60
C VAL A 455 16.00 -29.32 0.72
N ASP A 456 15.60 -30.53 1.10
CA ASP A 456 14.61 -31.33 0.35
C ASP A 456 13.21 -30.93 0.87
N LEU A 457 12.58 -29.93 0.26
CA LEU A 457 11.30 -29.36 0.78
C LEU A 457 10.13 -30.32 0.48
N SER A 458 9.18 -30.52 1.41
CA SER A 458 7.89 -31.17 1.09
C SER A 458 7.12 -30.21 0.17
N LYS A 459 6.14 -30.73 -0.56
CA LYS A 459 5.26 -29.88 -1.41
C LYS A 459 4.48 -28.93 -0.50
N PRO A 460 4.15 -27.68 -0.92
CA PRO A 460 4.59 -27.08 -2.19
C PRO A 460 6.08 -26.70 -2.22
N ARG A 461 6.70 -26.85 -3.40
CA ARG A 461 8.17 -26.65 -3.53
C ARG A 461 8.50 -26.15 -4.93
N PRO A 462 9.54 -25.32 -5.12
CA PRO A 462 10.01 -25.01 -6.45
C PRO A 462 10.70 -26.19 -7.15
N ASP A 463 10.95 -26.04 -8.46
CA ASP A 463 11.74 -26.97 -9.31
C ASP A 463 13.10 -26.33 -9.61
N PHE A 464 13.76 -25.79 -8.61
CA PHE A 464 15.15 -25.30 -8.64
C PHE A 464 15.71 -25.47 -7.24
N PRO A 465 17.06 -25.48 -7.08
CA PRO A 465 17.69 -25.64 -5.77
C PRO A 465 17.28 -24.64 -4.69
N VAL A 466 17.05 -25.20 -3.53
CA VAL A 466 16.67 -24.48 -2.28
C VAL A 466 17.79 -24.71 -1.27
N TYR A 467 18.44 -23.62 -0.81
CA TYR A 467 19.57 -23.65 0.16
C TYR A 467 19.06 -23.21 1.54
N GLY A 468 19.46 -23.93 2.59
CA GLY A 468 18.99 -23.71 3.97
C GLY A 468 20.02 -22.99 4.81
N PHE A 469 19.57 -22.01 5.60
CA PHE A 469 20.45 -21.30 6.55
C PHE A 469 19.86 -21.41 7.96
N SER A 470 20.70 -21.85 8.90
CA SER A 470 20.35 -22.03 10.33
C SER A 470 20.25 -20.64 10.99
N VAL A 471 19.06 -20.20 11.40
CA VAL A 471 18.86 -18.91 12.13
C VAL A 471 19.06 -19.13 13.64
N PRO A 472 19.90 -18.34 14.35
CA PRO A 472 19.98 -18.42 15.81
C PRO A 472 18.58 -18.12 16.37
N LEU A 473 18.10 -19.00 17.24
CA LEU A 473 16.69 -19.01 17.68
C LEU A 473 16.30 -17.63 18.24
N ALA A 474 17.21 -17.00 18.97
CA ALA A 474 16.93 -15.79 19.78
C ALA A 474 16.81 -14.59 18.84
N ALA A 475 17.24 -14.74 17.58
CA ALA A 475 17.11 -13.67 16.56
C ALA A 475 15.64 -13.41 16.23
N MSE A 476 14.80 -14.45 16.19
CA MSE A 476 13.45 -14.30 15.65
C MSE A 476 12.60 -13.45 16.61
O MSE A 476 12.68 -13.57 17.83
CB MSE A 476 12.77 -15.66 15.41
CG MSE A 476 13.41 -16.50 14.38
SE MSE A 476 13.23 -15.85 12.55
CE MSE A 476 11.41 -16.36 12.03
N ARG A 477 11.77 -12.60 16.00
CA ARG A 477 10.93 -11.68 16.74
C ARG A 477 9.47 -12.04 16.43
N ARG A 478 8.53 -11.46 17.17
CA ARG A 478 7.09 -11.49 16.87
C ARG A 478 6.81 -10.60 15.64
N GLY A 479 5.95 -11.08 14.74
CA GLY A 479 5.62 -10.43 13.45
C GLY A 479 6.62 -10.66 12.32
N TYR A 480 7.00 -9.61 11.58
CA TYR A 480 7.94 -9.68 10.46
C TYR A 480 9.34 -10.08 10.94
N ASN A 481 10.01 -10.84 10.07
CA ASN A 481 11.42 -11.31 10.19
C ASN A 481 12.11 -10.81 8.91
N LEU A 482 13.34 -10.31 9.00
CA LEU A 482 13.99 -9.73 7.81
C LEU A 482 15.18 -10.64 7.43
N ILE A 483 15.09 -11.25 6.25
CA ILE A 483 16.22 -12.00 5.62
C ILE A 483 17.03 -10.99 4.84
N GLU A 484 18.29 -10.78 5.19
CA GLU A 484 19.18 -9.92 4.39
C GLU A 484 20.22 -10.83 3.75
N VAL A 485 20.56 -10.64 2.48
CA VAL A 485 21.61 -11.46 1.81
C VAL A 485 22.49 -10.58 0.89
N THR A 486 23.76 -10.91 0.77
CA THR A 486 24.69 -10.39 -0.25
C THR A 486 25.32 -11.61 -0.94
N ALA A 487 25.65 -11.49 -2.24
CA ALA A 487 26.19 -12.56 -3.10
C ALA A 487 27.55 -12.14 -3.67
N ARG A 488 28.46 -13.10 -3.86
CA ARG A 488 29.77 -12.84 -4.49
C ARG A 488 29.58 -12.94 -6.02
N GLN A 489 28.56 -13.70 -6.47
CA GLN A 489 28.23 -13.88 -7.90
C GLN A 489 26.80 -13.40 -8.17
N GLU A 490 26.52 -12.94 -9.39
CA GLU A 490 25.15 -12.53 -9.82
C GLU A 490 24.22 -13.75 -9.75
N LEU A 491 23.15 -13.67 -8.95
CA LEU A 491 22.16 -14.76 -8.73
C LEU A 491 20.76 -14.14 -8.81
N ARG A 492 19.74 -14.93 -9.09
CA ARG A 492 18.32 -14.51 -9.02
C ARG A 492 17.57 -15.44 -8.05
N PHE A 493 16.90 -14.87 -7.02
CA PHE A 493 16.06 -15.64 -6.05
C PHE A 493 14.65 -15.80 -6.63
N GLY A 494 14.03 -17.00 -6.56
CA GLY A 494 12.66 -17.29 -7.02
C GLY A 494 11.77 -17.86 -5.92
N TRP A 495 12.32 -17.99 -4.72
CA TRP A 495 11.60 -18.60 -3.58
C TRP A 495 12.30 -18.17 -2.30
N ALA A 496 11.53 -17.99 -1.23
CA ALA A 496 12.07 -17.70 0.11
C ALA A 496 11.04 -18.14 1.17
N GLU A 497 11.52 -18.79 2.24
CA GLU A 497 10.65 -19.12 3.38
C GLU A 497 11.44 -19.26 4.68
N PHE A 498 10.71 -19.14 5.78
CA PHE A 498 11.08 -19.63 7.13
C PHE A 498 10.31 -20.92 7.41
N LEU A 499 11.02 -21.98 7.84
CA LEU A 499 10.51 -23.23 8.46
C LEU A 499 10.77 -23.17 9.98
N ILE A 500 9.73 -23.30 10.78
CA ILE A 500 9.82 -23.35 12.26
C ILE A 500 9.36 -24.75 12.71
N ARG A 501 10.26 -25.47 13.36
CA ARG A 501 10.05 -26.89 13.75
C ARG A 501 10.41 -26.99 15.23
N PRO A 502 9.38 -26.97 16.12
CA PRO A 502 9.53 -27.41 17.51
C PRO A 502 9.54 -28.95 17.54
N ILE B 6 -9.24 28.59 4.51
CA ILE B 6 -8.50 27.74 3.50
C ILE B 6 -7.50 26.83 4.23
N PRO B 7 -7.12 25.68 3.61
CA PRO B 7 -6.12 24.79 4.19
C PRO B 7 -4.79 25.52 4.47
N GLY B 8 -4.26 26.26 3.48
CA GLY B 8 -3.01 27.04 3.64
C GLY B 8 -1.73 26.22 3.46
N ILE B 9 -0.59 26.86 3.74
CA ILE B 9 0.79 26.30 3.52
C ILE B 9 1.55 26.25 4.85
N SER B 10 2.41 25.25 5.01
CA SER B 10 3.44 25.14 6.06
C SER B 10 4.76 25.09 5.28
N LEU B 11 5.77 25.85 5.69
CA LEU B 11 6.99 26.01 4.87
C LEU B 11 8.20 25.82 5.78
N ASN B 12 9.04 24.84 5.43
CA ASN B 12 10.26 24.40 6.16
C ASN B 12 11.51 25.12 5.64
N GLU B 13 12.17 25.82 6.56
CA GLU B 13 13.50 26.44 6.36
C GLU B 13 14.51 25.51 7.04
N ASP B 14 15.43 24.90 6.27
CA ASP B 14 16.45 23.94 6.80
C ASP B 14 17.53 24.65 7.67
N ASN B 15 18.45 23.86 8.20
CA ASN B 15 19.41 24.18 9.31
C ASN B 15 20.64 24.92 8.79
N SER B 16 20.88 24.89 7.46
CA SER B 16 22.13 25.32 6.81
C SER B 16 21.93 26.50 5.83
N HIS B 17 20.78 26.56 5.15
CA HIS B 17 20.52 27.38 3.92
C HIS B 17 20.79 28.87 4.13
N TYR B 18 20.28 29.44 5.21
CA TYR B 18 20.37 30.92 5.41
C TYR B 18 21.85 31.29 5.53
N PHE B 19 22.63 30.42 6.19
CA PHE B 19 24.05 30.69 6.56
C PHE B 19 24.92 30.55 5.30
N TYR B 20 24.68 29.51 4.50
CA TYR B 20 25.25 29.31 3.14
C TYR B 20 25.05 30.61 2.32
N THR B 21 23.81 31.08 2.12
CA THR B 21 23.45 32.09 1.10
C THR B 21 23.80 33.50 1.56
N ARG B 22 23.78 33.82 2.85
CA ARG B 22 24.16 35.17 3.36
C ARG B 22 25.63 35.24 3.77
N ALA B 23 26.47 34.23 3.48
CA ALA B 23 27.89 34.17 3.90
C ALA B 23 28.68 35.37 3.38
N GLY B 24 29.55 35.93 4.24
CA GLY B 24 30.53 36.95 3.85
C GLY B 24 29.96 38.35 3.96
N ARG B 25 28.70 38.48 4.35
CA ARG B 25 28.16 39.75 4.85
C ARG B 25 28.11 39.66 6.36
N ARG B 26 28.35 40.79 7.01
CA ARG B 26 28.13 40.99 8.45
C ARG B 26 26.63 41.31 8.62
N LEU B 27 25.82 40.37 9.11
CA LEU B 27 24.34 40.56 9.17
C LEU B 27 23.96 41.37 10.41
N SER B 28 23.07 42.37 10.27
CA SER B 28 22.36 43.03 11.39
C SER B 28 21.03 42.33 11.72
N ALA B 29 20.51 42.65 12.90
CA ALA B 29 19.21 42.18 13.45
C ALA B 29 18.06 42.47 12.47
N GLU B 30 18.07 43.68 11.87
CA GLU B 30 17.08 44.19 10.89
C GLU B 30 17.07 43.25 9.66
N GLU B 31 18.26 42.94 9.12
CA GLU B 31 18.43 42.00 7.97
C GLU B 31 17.89 40.60 8.34
N VAL B 32 18.30 40.10 9.48
CA VAL B 32 17.86 38.77 10.00
C VAL B 32 16.31 38.79 10.06
N ASP B 33 15.71 39.83 10.66
CA ASP B 33 14.22 39.96 10.74
C ASP B 33 13.66 39.95 9.32
N SER B 34 14.31 40.68 8.41
CA SER B 34 13.83 40.88 7.02
C SER B 34 13.56 39.52 6.33
N TRP B 35 14.19 38.41 6.73
CA TRP B 35 14.02 37.08 6.06
C TRP B 35 12.55 36.62 6.11
N VAL B 36 11.92 36.69 7.28
CA VAL B 36 10.49 36.34 7.55
C VAL B 36 9.57 37.14 6.62
N ASP B 37 9.88 38.43 6.44
CA ASP B 37 8.97 39.41 5.81
C ASP B 37 8.46 38.95 4.43
N GLN B 38 9.26 38.20 3.65
CA GLN B 38 8.91 37.75 2.27
C GLN B 38 7.73 36.77 2.33
N TYR B 39 7.49 36.17 3.50
CA TYR B 39 6.40 35.20 3.72
C TYR B 39 5.14 35.92 4.18
N ALA B 40 5.24 37.19 4.61
CA ALA B 40 4.08 37.99 5.03
C ALA B 40 3.10 38.18 3.86
N GLY B 41 1.80 38.24 4.19
CA GLY B 41 0.70 38.46 3.23
C GLY B 41 0.55 37.32 2.22
N THR B 42 1.18 36.16 2.45
CA THR B 42 1.07 34.96 1.58
C THR B 42 0.07 33.95 2.15
N GLN B 43 -0.07 32.79 1.53
CA GLN B 43 -0.93 31.70 2.08
C GLN B 43 -0.15 30.86 3.07
N VAL B 44 1.09 31.24 3.40
CA VAL B 44 1.90 30.52 4.43
C VAL B 44 1.25 30.79 5.81
N LYS B 45 0.92 29.75 6.57
CA LYS B 45 0.34 29.88 7.94
C LYS B 45 1.40 29.62 9.01
N GLU B 46 2.37 28.72 8.80
CA GLU B 46 3.41 28.36 9.80
C GLU B 46 4.81 28.28 9.16
N LEU B 47 5.81 28.87 9.80
CA LEU B 47 7.21 28.63 9.38
C LEU B 47 7.78 27.54 10.26
N MSE B 48 8.19 26.43 9.64
CA MSE B 48 8.94 25.39 10.29
C MSE B 48 10.41 25.77 10.20
O MSE B 48 11.09 25.52 9.20
CB MSE B 48 8.68 24.02 9.64
CG MSE B 48 7.49 23.25 10.19
SE MSE B 48 5.73 24.20 10.16
CE MSE B 48 4.51 23.06 11.19
N LEU B 49 10.94 26.30 11.30
CA LEU B 49 12.35 26.65 11.40
C LEU B 49 13.19 25.48 11.96
N CYS B 50 14.18 25.00 11.19
CA CYS B 50 15.00 23.82 11.58
C CYS B 50 16.37 24.30 12.07
N PRO B 51 16.74 24.04 13.34
CA PRO B 51 18.00 24.55 13.88
C PRO B 51 19.16 23.55 14.01
N ASN B 52 19.10 22.40 13.37
CA ASN B 52 20.04 21.30 13.73
C ASN B 52 20.17 20.28 12.62
N CYS B 53 21.38 19.71 12.46
CA CYS B 53 21.68 18.39 11.84
C CYS B 53 22.20 17.57 13.02
N MSE B 54 23.44 17.08 12.88
CA MSE B 54 24.14 16.40 14.01
C MSE B 54 24.74 17.49 14.90
O MSE B 54 25.15 17.18 16.03
CB MSE B 54 25.23 15.47 13.46
CG MSE B 54 24.73 14.12 13.01
SE MSE B 54 26.08 12.73 13.26
CE MSE B 54 25.78 11.28 11.96
N ARG B 55 24.78 18.73 14.38
CA ARG B 55 25.29 19.89 15.08
C ARG B 55 24.23 21.01 15.01
N THR B 56 24.21 21.92 15.98
CA THR B 56 23.22 23.04 15.96
C THR B 56 23.86 24.22 15.21
N SER B 57 23.03 25.04 14.56
CA SER B 57 23.45 26.32 13.91
C SER B 57 23.28 27.47 14.93
N TYR B 58 22.74 27.20 16.12
CA TYR B 58 22.72 28.15 17.26
C TYR B 58 23.72 27.72 18.34
N ALA B 59 23.90 28.58 19.33
CA ALA B 59 24.94 28.37 20.38
C ALA B 59 24.36 27.47 21.48
N SER B 60 24.21 26.15 21.21
CA SER B 60 23.77 25.12 22.18
C SER B 60 24.82 24.96 23.28
N GLN B 61 24.33 24.67 24.49
CA GLN B 61 25.18 24.27 25.65
C GLN B 61 25.20 22.72 25.79
N VAL B 62 24.29 21.98 25.14
CA VAL B 62 24.21 20.50 25.38
C VAL B 62 24.59 19.69 24.12
N TRP B 63 24.62 20.32 22.94
CA TRP B 63 25.10 19.73 21.66
C TRP B 63 26.25 20.59 21.10
N ASP B 64 26.99 20.08 20.10
CA ASP B 64 28.07 20.85 19.42
C ASP B 64 27.44 21.85 18.46
N PRO B 65 27.74 23.17 18.58
CA PRO B 65 27.41 24.08 17.50
C PRO B 65 28.26 23.74 16.28
N ILE B 66 27.77 24.15 15.11
CA ILE B 66 28.40 23.87 13.80
C ILE B 66 29.86 24.34 13.84
N TRP B 67 30.14 25.41 14.58
CA TRP B 67 31.50 26.01 14.69
C TRP B 67 32.36 25.42 15.80
N ARG B 68 32.00 24.28 16.42
CA ARG B 68 32.94 23.63 17.40
C ARG B 68 34.20 23.16 16.65
N GLY B 69 35.39 23.54 17.13
CA GLY B 69 36.70 23.26 16.49
C GLY B 69 37.11 24.34 15.49
N TYR B 70 36.34 25.41 15.33
CA TYR B 70 36.57 26.41 14.26
C TYR B 70 37.67 27.40 14.67
N ASP B 71 38.59 27.71 13.74
CA ASP B 71 39.55 28.84 13.91
C ASP B 71 39.11 30.01 13.03
N PRO B 72 38.39 31.02 13.60
CA PRO B 72 37.82 32.11 12.81
C PRO B 72 38.87 32.82 11.94
N ALA B 73 40.03 33.14 12.51
CA ALA B 73 41.14 33.89 11.84
C ALA B 73 41.93 32.98 10.89
N GLY B 74 41.77 31.66 10.98
CA GLY B 74 42.66 30.67 10.34
C GLY B 74 42.40 30.54 8.84
N PRO B 75 43.28 29.79 8.13
CA PRO B 75 43.08 29.52 6.70
C PRO B 75 41.98 28.46 6.46
N ASP B 76 41.53 28.40 5.21
CA ASP B 76 40.53 27.40 4.75
C ASP B 76 41.04 26.01 5.11
N ASP B 77 42.31 25.73 4.81
CA ASP B 77 42.92 24.42 5.14
C ASP B 77 43.27 24.39 6.64
N GLN B 78 42.24 24.22 7.49
CA GLN B 78 42.42 24.19 8.96
C GLN B 78 41.75 22.90 9.39
N PRO B 79 42.03 22.16 10.66
CA PRO B 79 41.55 20.83 11.08
C PRO B 79 40.05 20.56 10.77
N LEU B 80 39.15 21.47 11.16
CA LEU B 80 37.67 21.24 11.05
C LEU B 80 37.28 20.93 9.61
N LEU B 81 38.00 21.53 8.64
CA LEU B 81 37.68 21.46 7.20
C LEU B 81 38.72 20.62 6.43
N ALA B 82 39.75 20.04 7.07
CA ALA B 82 40.87 19.35 6.37
C ALA B 82 40.34 18.18 5.52
N SER B 83 39.37 17.43 6.05
CA SER B 83 38.79 16.22 5.38
C SER B 83 38.10 16.57 4.04
N LEU B 84 37.69 17.82 3.80
CA LEU B 84 36.92 18.23 2.57
C LEU B 84 37.87 18.60 1.43
N PRO B 85 37.51 18.30 0.16
CA PRO B 85 38.15 18.93 -1.00
C PRO B 85 38.24 20.45 -0.89
N PRO B 86 39.33 21.10 -1.39
CA PRO B 86 39.55 22.53 -1.20
C PRO B 86 38.35 23.41 -1.60
N GLU B 87 37.67 23.09 -2.71
CA GLU B 87 36.54 23.92 -3.23
C GLU B 87 35.39 23.88 -2.22
N GLU B 88 35.07 22.67 -1.72
CA GLU B 88 33.92 22.37 -0.83
C GLU B 88 34.13 23.01 0.55
N ARG B 89 35.38 23.24 0.95
CA ARG B 89 35.75 24.02 2.16
C ARG B 89 35.13 25.43 2.15
N VAL B 90 35.13 26.16 1.01
CA VAL B 90 34.63 27.58 0.92
C VAL B 90 33.15 27.63 1.39
N ALA B 91 32.30 26.76 0.87
CA ALA B 91 30.86 26.72 1.21
C ALA B 91 30.65 26.29 2.68
N ALA B 92 31.15 25.12 3.10
CA ALA B 92 31.16 24.70 4.51
C ALA B 92 31.53 25.87 5.45
N ARG B 93 32.62 26.59 5.20
CA ARG B 93 33.05 27.75 6.06
C ARG B 93 32.07 28.94 5.97
N GLY B 94 31.35 29.15 4.86
CA GLY B 94 30.29 30.18 4.82
C GLY B 94 29.20 29.87 5.87
N TRP B 95 28.82 28.60 5.94
CA TRP B 95 27.86 28.14 6.99
C TRP B 95 28.43 28.37 8.40
N ILE B 96 29.58 27.77 8.71
CA ILE B 96 30.24 27.85 10.05
C ILE B 96 30.43 29.35 10.43
N HIS B 97 31.03 30.18 9.57
CA HIS B 97 31.38 31.60 9.93
C HIS B 97 30.15 32.52 10.07
N THR B 98 29.07 32.32 9.31
CA THR B 98 27.86 33.17 9.42
C THR B 98 27.11 32.83 10.73
N ALA B 99 27.05 31.54 11.08
CA ALA B 99 26.41 31.06 12.34
C ALA B 99 27.27 31.51 13.54
N TRP B 100 28.60 31.37 13.45
CA TRP B 100 29.54 31.84 14.47
C TRP B 100 29.41 33.38 14.68
N GLN B 101 29.55 34.17 13.60
CA GLN B 101 29.53 35.65 13.66
C GLN B 101 28.20 36.15 14.25
N LEU B 102 27.08 35.58 13.82
CA LEU B 102 25.73 35.90 14.36
C LEU B 102 25.80 35.81 15.90
N HIS B 103 26.31 34.69 16.44
CA HIS B 103 26.39 34.45 17.90
C HIS B 103 27.30 35.51 18.56
N GLN B 104 28.53 35.70 18.06
CA GLN B 104 29.50 36.77 18.46
C GLN B 104 28.82 38.16 18.58
N ASP B 105 27.88 38.51 17.68
CA ASP B 105 27.15 39.81 17.68
C ASP B 105 25.88 39.78 18.53
N GLY B 106 25.64 38.74 19.33
CA GLY B 106 24.50 38.69 20.27
C GLY B 106 23.16 38.53 19.58
N ILE B 107 23.15 38.03 18.34
CA ILE B 107 21.90 37.67 17.62
C ILE B 107 21.67 36.16 17.71
N ASP B 108 20.63 35.74 18.44
CA ASP B 108 20.02 34.38 18.35
C ASP B 108 19.03 34.39 17.17
N ILE B 109 19.41 33.82 16.04
CA ILE B 109 18.65 33.93 14.75
C ILE B 109 17.25 33.33 14.93
N TYR B 110 17.11 32.25 15.69
CA TYR B 110 15.81 31.55 15.87
C TYR B 110 14.90 32.34 16.81
N ALA B 111 15.43 32.95 17.90
CA ALA B 111 14.68 33.88 18.77
C ALA B 111 14.05 34.98 17.92
N ARG B 112 14.83 35.54 16.99
CA ARG B 112 14.43 36.75 16.23
C ARG B 112 13.34 36.35 15.24
N TRP B 113 13.55 35.21 14.56
CA TRP B 113 12.59 34.68 13.57
C TRP B 113 11.26 34.37 14.25
N ILE B 114 11.28 33.68 15.39
CA ILE B 114 10.05 33.41 16.20
C ILE B 114 9.30 34.75 16.46
N ARG B 115 9.94 35.78 17.04
CA ARG B 115 9.35 37.10 17.36
C ARG B 115 8.72 37.78 16.13
N ARG B 116 9.52 37.94 15.07
CA ARG B 116 9.10 38.53 13.77
C ARG B 116 7.88 37.77 13.23
N CYS B 117 7.96 36.43 13.20
CA CYS B 117 6.82 35.59 12.73
C CYS B 117 5.47 36.10 13.29
N ARG B 118 5.32 36.32 14.60
CA ARG B 118 4.00 36.73 15.21
C ARG B 118 3.63 38.19 14.90
N GLN B 119 4.60 39.10 14.86
CA GLN B 119 4.48 40.45 14.28
C GLN B 119 3.82 40.38 12.89
N ARG B 120 4.07 39.31 12.10
CA ARG B 120 3.61 39.15 10.68
C ARG B 120 2.44 38.14 10.56
N GLY B 121 1.78 37.76 11.65
CA GLY B 121 0.60 36.87 11.59
C GLY B 121 0.94 35.42 11.25
N ILE B 122 2.23 35.08 11.20
CA ILE B 122 2.71 33.71 10.88
C ILE B 122 2.87 32.97 12.20
N SER B 123 2.44 31.69 12.29
CA SER B 123 2.67 30.81 13.46
C SER B 123 4.06 30.16 13.40
N PRO B 124 5.01 30.45 14.33
CA PRO B 124 6.37 29.93 14.24
C PRO B 124 6.61 28.56 14.90
N TRP B 125 7.21 27.64 14.19
CA TRP B 125 7.42 26.27 14.72
C TRP B 125 8.92 26.03 14.74
N ILE B 126 9.39 25.15 15.61
CA ILE B 126 10.77 24.59 15.49
C ILE B 126 10.60 23.17 14.94
N SER B 127 11.47 22.76 13.99
CA SER B 127 11.51 21.45 13.33
C SER B 127 12.88 20.81 13.48
N MSE B 128 12.92 19.78 14.34
CA MSE B 128 14.15 19.09 14.68
C MSE B 128 14.40 17.91 13.76
O MSE B 128 13.55 17.04 13.57
CB MSE B 128 14.08 18.57 16.12
CG MSE B 128 15.39 18.01 16.60
SE MSE B 128 15.33 17.33 18.41
CE MSE B 128 16.72 15.96 18.22
N ARG B 129 15.62 17.82 13.22
CA ARG B 129 16.04 16.65 12.47
C ARG B 129 16.49 15.63 13.52
N MSE B 130 15.82 14.46 13.55
CA MSE B 130 16.00 13.43 14.57
C MSE B 130 17.19 12.53 14.25
O MSE B 130 17.68 11.84 15.11
CB MSE B 130 14.72 12.59 14.69
CG MSE B 130 13.42 13.44 14.82
SE MSE B 130 13.48 14.77 16.35
CE MSE B 130 13.64 13.43 17.78
N ASN B 131 17.67 12.47 13.00
CA ASN B 131 18.72 11.48 12.72
C ASN B 131 19.37 11.77 11.35
N ASP B 132 19.85 13.01 11.13
CA ASP B 132 20.56 13.45 9.88
C ASP B 132 21.89 12.68 9.71
N VAL B 133 22.21 12.32 8.46
CA VAL B 133 23.36 11.43 8.14
C VAL B 133 24.09 11.93 6.88
N HIS B 134 23.98 13.22 6.57
CA HIS B 134 24.78 13.79 5.45
C HIS B 134 26.28 13.50 5.62
N TYR B 135 26.92 12.97 4.56
CA TYR B 135 28.39 12.89 4.42
C TYR B 135 29.00 11.93 5.47
N VAL B 136 28.23 10.96 5.99
CA VAL B 136 28.74 10.02 7.04
C VAL B 136 29.75 9.04 6.43
N ASN B 137 29.90 9.04 5.11
CA ASN B 137 31.04 8.37 4.43
C ASN B 137 32.35 8.99 4.94
N ASP B 138 32.35 10.28 5.29
CA ASP B 138 33.56 11.04 5.74
C ASP B 138 33.49 11.09 7.27
N GLU B 139 34.24 10.21 7.94
CA GLU B 139 34.26 10.05 9.43
C GLU B 139 34.83 11.33 10.07
N ARG B 140 35.60 12.14 9.33
CA ARG B 140 36.25 13.38 9.86
C ARG B 140 35.47 14.66 9.47
N CYS B 141 34.20 14.54 9.02
CA CYS B 141 33.44 15.69 8.44
C CYS B 141 33.03 16.73 9.51
N PHE B 142 33.11 17.99 9.12
CA PHE B 142 32.85 19.13 10.05
C PHE B 142 31.48 18.98 10.71
N LEU B 143 30.41 18.52 10.05
CA LEU B 143 29.01 18.69 10.58
C LEU B 143 28.51 17.49 11.40
N HIS B 144 29.29 16.40 11.54
CA HIS B 144 28.99 15.30 12.51
C HIS B 144 29.18 15.78 13.96
N SER B 145 28.42 15.26 14.94
CA SER B 145 28.65 15.45 16.41
C SER B 145 29.85 14.61 16.82
N GLU B 146 30.63 15.08 17.81
CA GLU B 146 31.73 14.29 18.44
C GLU B 146 31.13 13.02 19.10
N PHE B 147 29.92 13.13 19.69
CA PHE B 147 29.08 12.02 20.24
C PHE B 147 28.89 10.91 19.20
N TRP B 148 28.55 11.24 17.95
CA TRP B 148 28.44 10.30 16.80
C TRP B 148 29.80 9.65 16.51
N ARG B 149 30.88 10.44 16.49
CA ARG B 149 32.23 9.97 16.08
C ARG B 149 32.77 9.00 17.13
N GLU B 150 32.41 9.20 18.40
CA GLU B 150 33.02 8.49 19.53
C GLU B 150 32.20 7.24 19.87
N ASN B 151 31.05 7.07 19.23
CA ASN B 151 30.06 6.02 19.61
C ASN B 151 29.56 5.26 18.38
N PRO B 152 30.50 4.62 17.62
CA PRO B 152 30.13 3.78 16.49
C PRO B 152 29.23 2.60 16.87
N GLN B 153 29.33 2.10 18.10
CA GLN B 153 28.47 1.00 18.63
C GLN B 153 26.97 1.41 18.67
N LEU B 154 26.60 2.69 18.65
CA LEU B 154 25.15 3.07 18.69
C LEU B 154 24.56 3.24 17.26
N ARG B 155 25.27 2.90 16.20
CA ARG B 155 24.70 2.96 14.83
C ARG B 155 23.75 1.77 14.58
N ARG B 156 22.87 1.98 13.61
CA ARG B 156 21.84 1.05 13.05
C ARG B 156 22.43 -0.27 12.54
N VAL B 157 23.42 -0.20 11.64
CA VAL B 157 23.94 -1.36 10.85
C VAL B 157 25.46 -1.43 10.95
N PRO B 158 26.04 -2.32 11.79
CA PRO B 158 27.49 -2.51 11.82
C PRO B 158 28.12 -3.49 10.80
N TYR B 159 27.34 -4.20 9.99
CA TYR B 159 27.86 -5.36 9.20
C TYR B 159 28.11 -4.94 7.73
N ARG B 160 27.84 -3.68 7.40
CA ARG B 160 28.05 -3.18 6.03
C ARG B 160 27.89 -1.64 6.01
N PHE B 161 28.45 -0.99 5.00
CA PHE B 161 28.22 0.44 4.71
C PHE B 161 27.93 0.54 3.21
N ALA B 162 26.66 0.49 2.80
CA ALA B 162 26.22 0.64 1.38
C ALA B 162 25.33 1.89 1.22
N GLU B 163 24.78 2.43 2.32
CA GLU B 163 23.98 3.68 2.34
C GLU B 163 24.36 4.48 3.59
N TRP B 164 24.31 5.82 3.51
CA TRP B 164 24.38 6.75 4.67
C TRP B 164 23.57 6.27 5.87
N THR B 165 22.31 5.88 5.66
CA THR B 165 21.41 5.40 6.74
C THR B 165 21.95 4.21 7.55
N ASP B 166 22.89 3.44 7.01
CA ASP B 166 23.60 2.36 7.76
C ASP B 166 24.37 2.96 8.98
N ARG B 167 24.82 4.21 8.92
CA ARG B 167 25.55 4.85 10.06
C ARG B 167 24.67 5.84 10.80
N ALA B 168 23.34 5.80 10.63
CA ALA B 168 22.37 6.60 11.40
C ALA B 168 22.34 6.04 12.83
N PHE B 169 21.78 6.77 13.79
CA PHE B 169 21.80 6.28 15.20
C PHE B 169 20.68 5.24 15.32
N ASP B 170 20.84 4.31 16.24
CA ASP B 170 19.80 3.29 16.58
C ASP B 170 18.99 3.82 17.77
N TYR B 171 17.78 4.34 17.58
CA TYR B 171 16.90 4.81 18.69
C TYR B 171 16.39 3.62 19.55
N GLY B 172 16.69 2.35 19.21
CA GLY B 172 16.45 1.20 20.09
C GLY B 172 17.31 1.28 21.35
N ARG B 173 18.39 2.06 21.32
CA ARG B 173 19.30 2.30 22.47
C ARG B 173 18.82 3.49 23.36
N ALA B 174 18.86 3.27 24.68
CA ALA B 174 18.56 4.32 25.70
C ALA B 174 19.45 5.57 25.52
N GLU B 175 20.75 5.40 25.27
CA GLU B 175 21.72 6.53 25.21
CA GLU B 175 21.79 6.46 25.13
C GLU B 175 21.43 7.39 23.97
N VAL B 176 20.87 6.80 22.92
CA VAL B 176 20.50 7.57 21.70
C VAL B 176 19.28 8.45 22.00
N ARG B 177 18.26 7.88 22.66
CA ARG B 177 17.02 8.66 22.97
C ARG B 177 17.40 9.86 23.84
N GLU B 178 18.10 9.58 24.94
CA GLU B 178 18.59 10.61 25.90
C GLU B 178 19.39 11.71 25.15
N HIS B 179 20.25 11.35 24.21
CA HIS B 179 21.01 12.32 23.35
C HIS B 179 20.07 13.28 22.61
N HIS B 180 18.96 12.79 22.07
CA HIS B 180 18.01 13.63 21.28
C HIS B 180 17.00 14.34 22.20
N LEU B 181 16.64 13.71 23.32
CA LEU B 181 15.81 14.33 24.38
C LEU B 181 16.56 15.52 25.04
N LYS B 182 17.89 15.48 25.21
CA LYS B 182 18.67 16.64 25.76
C LYS B 182 18.43 17.87 24.85
N LEU B 183 18.42 17.70 23.53
CA LEU B 183 18.21 18.83 22.57
C LEU B 183 16.78 19.36 22.67
N ILE B 184 15.78 18.50 22.68
CA ILE B 184 14.35 18.91 22.84
C ILE B 184 14.17 19.72 24.15
N ARG B 185 14.75 19.25 25.25
CA ARG B 185 14.62 19.94 26.57
C ARG B 185 15.21 21.34 26.44
N GLU B 186 16.40 21.49 25.84
CA GLU B 186 17.01 22.82 25.59
C GLU B 186 16.16 23.65 24.62
N LEU B 187 15.59 23.05 23.57
CA LEU B 187 14.81 23.84 22.58
C LEU B 187 13.56 24.40 23.26
N ALA B 188 12.87 23.61 24.08
CA ALA B 188 11.63 24.07 24.74
C ALA B 188 11.96 25.19 25.74
N ALA B 189 13.13 25.15 26.36
CA ALA B 189 13.59 26.14 27.37
C ALA B 189 14.01 27.47 26.72
N ARG B 190 14.76 27.37 25.61
CA ARG B 190 15.40 28.52 24.90
C ARG B 190 14.41 29.28 24.01
N TYR B 191 13.41 28.61 23.38
CA TYR B 191 12.54 29.20 22.32
C TYR B 191 11.05 29.07 22.63
N ASP B 192 10.30 30.18 22.56
CA ASP B 192 8.82 30.27 22.77
C ASP B 192 8.10 30.02 21.45
N PHE B 193 8.10 28.76 20.96
CA PHE B 193 7.49 28.35 19.66
C PHE B 193 6.02 27.98 19.85
N ASP B 194 5.20 28.08 18.78
CA ASP B 194 3.76 27.68 18.76
C ASP B 194 3.65 26.14 18.69
N GLY B 195 4.67 25.47 18.14
CA GLY B 195 4.80 24.01 18.18
C GLY B 195 6.18 23.47 17.80
N LEU B 196 6.39 22.21 18.15
CA LEU B 196 7.63 21.44 17.85
C LEU B 196 7.24 20.42 16.81
N GLU B 197 8.01 20.35 15.73
CA GLU B 197 7.85 19.23 14.78
C GLU B 197 8.99 18.23 14.96
N LEU B 198 8.67 16.97 15.20
CA LEU B 198 9.71 15.89 15.18
C LEU B 198 9.96 15.45 13.73
N ASP B 199 11.06 15.86 13.08
CA ASP B 199 11.30 15.50 11.64
C ASP B 199 11.97 14.12 11.55
N TRP B 200 11.14 13.07 11.68
CA TRP B 200 11.58 11.66 11.61
C TRP B 200 12.13 11.40 10.19
N MSE B 201 11.85 12.24 9.19
CA MSE B 201 12.14 11.88 7.80
C MSE B 201 13.52 12.40 7.36
O MSE B 201 13.96 12.22 6.19
CB MSE B 201 10.96 12.37 6.94
CG MSE B 201 9.68 11.58 7.12
SE MSE B 201 9.96 9.70 6.62
CE MSE B 201 10.21 9.85 4.67
N ARG B 202 14.24 12.99 8.31
CA ARG B 202 15.67 13.15 8.12
C ARG B 202 16.40 12.16 9.05
N PHE B 203 16.65 10.93 8.55
CA PHE B 203 16.52 10.45 7.19
C PHE B 203 15.61 9.22 7.17
N GLY B 204 14.74 9.03 8.19
CA GLY B 204 13.62 8.07 8.17
C GLY B 204 13.92 6.68 8.77
N PHE B 205 15.18 6.37 9.00
CA PHE B 205 15.72 5.04 9.39
C PHE B 205 16.39 5.16 10.77
N HIS B 206 15.77 4.60 11.79
CA HIS B 206 16.06 4.90 13.22
C HIS B 206 16.31 3.61 14.01
N PHE B 207 16.15 2.42 13.38
CA PHE B 207 16.14 1.13 14.12
C PHE B 207 17.00 0.16 13.35
N ARG B 208 17.59 -0.82 14.04
CA ARG B 208 18.30 -1.97 13.42
C ARG B 208 17.35 -2.70 12.50
N PRO B 209 17.76 -3.07 11.26
CA PRO B 209 16.91 -3.86 10.36
C PRO B 209 16.31 -5.11 11.02
N GLY B 210 14.99 -5.19 11.05
CA GLY B 210 14.16 -6.28 11.64
C GLY B 210 13.53 -5.93 12.99
N TYR B 211 13.94 -4.82 13.64
CA TYR B 211 13.50 -4.48 15.03
C TYR B 211 12.47 -3.33 15.03
N GLU B 212 11.77 -3.14 13.92
CA GLU B 212 10.95 -1.93 13.73
C GLU B 212 9.68 -2.12 14.58
N ALA B 213 9.30 -3.36 14.94
CA ALA B 213 8.10 -3.58 15.76
C ALA B 213 8.36 -3.09 17.18
N GLU B 214 9.44 -3.52 17.82
CA GLU B 214 9.79 -2.94 19.12
C GLU B 214 10.11 -1.45 18.95
N GLY B 215 10.73 -1.05 17.84
CA GLY B 215 10.88 0.39 17.53
C GLY B 215 9.57 1.18 17.65
N ALA B 216 8.43 0.69 17.12
CA ALA B 216 7.15 1.44 17.13
C ALA B 216 6.72 1.80 18.56
N GLU B 217 6.75 0.80 19.44
CA GLU B 217 6.42 0.92 20.89
C GLU B 217 7.32 2.00 21.49
N ILE B 218 8.62 1.90 21.21
CA ILE B 218 9.66 2.85 21.71
C ILE B 218 9.42 4.28 21.19
N LEU B 219 9.15 4.50 19.88
CA LEU B 219 8.94 5.88 19.41
C LEU B 219 7.63 6.49 19.97
N THR B 220 6.59 5.68 20.20
CA THR B 220 5.29 6.13 20.80
C THR B 220 5.49 6.65 22.24
N ALA B 221 6.31 5.98 23.03
CA ALA B 221 6.69 6.36 24.42
C ALA B 221 7.52 7.66 24.39
N PHE B 222 8.52 7.72 23.49
CA PHE B 222 9.38 8.90 23.21
C PHE B 222 8.49 10.12 22.83
N THR B 223 7.50 9.94 21.93
CA THR B 223 6.51 10.98 21.55
C THR B 223 5.71 11.37 22.82
N ALA B 224 5.27 10.41 23.66
CA ALA B 224 4.54 10.62 24.94
C ALA B 224 5.36 11.48 25.93
N GLU B 225 6.67 11.21 26.07
CA GLU B 225 7.57 12.03 26.94
C GLU B 225 7.62 13.48 26.38
N VAL B 226 7.72 13.64 25.06
CA VAL B 226 7.84 14.99 24.41
C VAL B 226 6.59 15.81 24.76
N ARG B 227 5.40 15.22 24.56
CA ARG B 227 4.07 15.85 24.77
C ARG B 227 3.91 16.28 26.23
N ARG B 228 4.27 15.40 27.17
CA ARG B 228 4.25 15.63 28.64
C ARG B 228 5.17 16.80 28.97
N LEU B 229 6.36 16.84 28.34
CA LEU B 229 7.32 17.95 28.60
C LEU B 229 6.69 19.25 28.07
N LEU B 230 6.19 19.28 26.82
CA LEU B 230 5.53 20.50 26.27
C LEU B 230 4.30 20.93 27.11
N ASP B 231 3.56 20.00 27.72
CA ASP B 231 2.40 20.31 28.60
C ASP B 231 2.87 21.18 29.78
N ASP B 232 4.03 20.83 30.35
CA ASP B 232 4.75 21.61 31.40
C ASP B 232 5.02 23.04 30.88
N TRP B 233 5.67 23.20 29.74
CA TRP B 233 5.99 24.53 29.17
C TRP B 233 4.71 25.34 28.86
N GLU B 234 3.57 24.69 28.59
CA GLU B 234 2.28 25.37 28.28
C GLU B 234 1.92 26.34 29.42
N LYS B 235 2.14 25.93 30.67
CA LYS B 235 1.78 26.73 31.88
C LYS B 235 2.80 27.88 32.04
N ARG B 236 4.08 27.59 31.87
CA ARG B 236 5.18 28.60 31.91
C ARG B 236 4.99 29.63 30.79
N ARG B 237 4.74 29.22 29.53
CA ARG B 237 4.63 30.16 28.37
C ARG B 237 3.28 30.88 28.36
N GLY B 238 2.24 30.30 28.98
CA GLY B 238 0.87 30.86 29.04
C GLY B 238 0.08 30.71 27.73
N HIS B 239 0.32 29.67 26.95
CA HIS B 239 -0.46 29.41 25.71
C HIS B 239 -0.22 27.97 25.27
N LYS B 240 -1.03 27.50 24.33
CA LYS B 240 -1.00 26.11 23.82
C LYS B 240 0.30 25.89 23.02
N ILE B 241 0.93 24.72 23.15
CA ILE B 241 2.09 24.32 22.30
C ILE B 241 1.66 23.07 21.55
N HIS B 242 1.79 23.07 20.21
CA HIS B 242 1.45 21.93 19.33
C HIS B 242 2.68 21.03 19.21
N LEU B 243 2.44 19.73 19.00
CA LEU B 243 3.48 18.73 18.68
C LEU B 243 3.08 18.01 17.39
N GLY B 244 4.01 17.96 16.42
CA GLY B 244 3.80 17.30 15.13
C GLY B 244 4.96 16.40 14.75
N ALA B 245 4.83 15.64 13.65
CA ALA B 245 5.89 14.80 13.03
C ALA B 245 5.72 14.62 11.52
N ARG B 246 6.85 14.37 10.90
CA ARG B 246 7.03 13.98 9.49
C ARG B 246 7.18 12.46 9.46
N ILE B 247 6.36 11.79 8.69
CA ILE B 247 6.28 10.32 8.58
C ILE B 247 6.18 9.96 7.09
N PRO B 248 6.39 8.67 6.73
CA PRO B 248 6.22 8.26 5.35
C PRO B 248 4.81 8.48 4.81
N SER B 249 4.73 8.33 3.49
CA SER B 249 3.61 8.71 2.64
C SER B 249 2.44 7.68 2.67
N ARG B 250 2.71 6.41 3.00
CA ARG B 250 1.74 5.26 3.00
C ARG B 250 1.72 4.70 4.43
N PRO B 251 0.58 4.33 5.00
CA PRO B 251 0.55 3.76 6.37
C PRO B 251 1.34 2.45 6.63
N ALA B 252 1.43 1.53 5.68
CA ALA B 252 2.21 0.28 5.80
C ALA B 252 3.72 0.57 5.94
N THR B 253 4.27 1.55 5.20
CA THR B 253 5.72 1.90 5.26
C THR B 253 6.04 2.64 6.58
N ALA B 254 5.18 3.56 6.97
CA ALA B 254 5.33 4.33 8.22
C ALA B 254 5.44 3.33 9.40
N LEU B 255 4.52 2.35 9.49
CA LEU B 255 4.48 1.34 10.62
C LEU B 255 5.73 0.44 10.51
N GLY B 256 6.06 0.05 9.28
CA GLY B 256 7.24 -0.78 8.94
C GLY B 256 8.56 -0.13 9.30
N LEU B 257 8.61 1.21 9.40
CA LEU B 257 9.81 1.96 9.90
C LEU B 257 9.64 2.41 11.36
N GLY B 258 8.71 1.80 12.10
CA GLY B 258 8.50 1.96 13.54
C GLY B 258 7.75 3.24 13.89
N MSE B 259 6.90 3.74 12.99
CA MSE B 259 6.10 4.94 13.21
C MSE B 259 4.59 4.61 13.13
O MSE B 259 4.02 4.57 12.04
CB MSE B 259 6.57 6.02 12.23
CG MSE B 259 8.02 6.48 12.47
SE MSE B 259 8.72 7.78 11.14
CE MSE B 259 9.64 6.42 10.01
N ASP B 260 3.97 4.31 14.29
CA ASP B 260 2.54 4.03 14.43
C ASP B 260 1.79 5.35 14.71
N ALA B 261 1.66 6.23 13.73
CA ALA B 261 1.07 7.59 13.88
C ALA B 261 -0.39 7.48 14.30
N VAL B 262 -1.12 6.47 13.86
CA VAL B 262 -2.56 6.33 14.26
C VAL B 262 -2.68 6.25 15.77
N THR B 263 -1.80 5.50 16.46
CA THR B 263 -1.70 5.44 17.94
C THR B 263 -1.33 6.81 18.54
N TRP B 264 -0.39 7.55 17.92
CA TRP B 264 0.07 8.88 18.41
C TRP B 264 -1.13 9.82 18.36
N ALA B 265 -1.91 9.76 17.28
CA ALA B 265 -3.11 10.58 17.04
C ALA B 265 -4.23 10.16 18.00
N ARG B 266 -4.49 8.87 18.21
CA ARG B 266 -5.62 8.42 19.07
C ARG B 266 -5.34 8.72 20.54
N ARG B 267 -4.09 8.61 20.98
CA ARG B 267 -3.72 8.84 22.39
C ARG B 267 -3.53 10.34 22.65
N GLY B 268 -3.76 11.20 21.67
CA GLY B 268 -3.64 12.66 21.82
C GLY B 268 -2.21 13.16 21.87
N LEU B 269 -1.25 12.37 21.43
CA LEU B 269 0.20 12.74 21.51
C LEU B 269 0.53 13.87 20.51
N VAL B 270 0.01 13.79 19.29
CA VAL B 270 0.36 14.76 18.21
C VAL B 270 -0.94 15.40 17.75
N ASP B 271 -0.87 16.61 17.18
CA ASP B 271 -2.06 17.29 16.59
C ASP B 271 -1.77 17.71 15.15
N MSE B 272 -0.61 17.28 14.63
CA MSE B 272 -0.32 17.40 13.22
C MSE B 272 0.62 16.27 12.77
O MSE B 272 1.58 15.93 13.45
CB MSE B 272 0.31 18.77 12.90
CG MSE B 272 0.37 19.12 11.43
SE MSE B 272 1.46 20.73 11.11
CE MSE B 272 1.84 20.66 9.22
N LEU B 273 0.32 15.74 11.57
CA LEU B 273 1.15 14.74 10.93
C LEU B 273 1.43 15.22 9.51
N VAL B 274 2.71 15.17 9.08
CA VAL B 274 3.08 15.54 7.69
C VAL B 274 3.46 14.25 6.98
N ILE B 275 2.65 13.82 6.03
CA ILE B 275 2.95 12.62 5.19
C ILE B 275 3.87 13.09 4.07
N THR B 276 5.00 12.44 3.87
CA THR B 276 5.99 13.00 2.91
C THR B 276 6.94 11.92 2.41
N PRO B 277 7.48 12.12 1.18
CA PRO B 277 8.70 11.45 0.76
C PRO B 277 9.92 12.03 1.51
N PHE B 278 11.03 11.34 1.32
CA PHE B 278 12.37 11.68 1.87
C PHE B 278 12.95 12.85 1.07
N TRP B 279 13.25 12.63 -0.23
CA TRP B 279 14.07 13.60 -1.02
C TRP B 279 14.00 13.46 -2.53
N ALA B 280 14.06 12.23 -3.02
CA ALA B 280 14.51 11.93 -4.40
C ALA B 280 13.48 12.43 -5.43
N SER B 281 12.21 12.56 -5.04
CA SER B 281 11.09 13.17 -5.79
C SER B 281 9.91 13.55 -4.88
N ALA B 282 9.25 14.66 -5.16
CA ALA B 282 7.87 14.87 -4.70
C ALA B 282 7.10 13.63 -5.13
N GLU B 283 6.25 13.12 -4.24
CA GLU B 283 5.14 12.21 -4.62
C GLU B 283 3.91 13.07 -4.96
N THR B 284 3.38 12.83 -6.15
CA THR B 284 2.21 13.57 -6.71
C THR B 284 0.97 12.74 -6.38
N ASP B 285 1.21 11.49 -6.01
CA ASP B 285 0.17 10.49 -5.61
C ASP B 285 0.44 9.98 -4.18
N MSE B 286 -0.39 10.39 -3.23
CA MSE B 286 -0.30 9.95 -1.85
C MSE B 286 -1.71 9.62 -1.33
O MSE B 286 -2.64 10.41 -1.56
CB MSE B 286 0.38 11.05 -0.99
CG MSE B 286 1.84 11.07 -1.19
SE MSE B 286 2.92 12.23 -0.01
CE MSE B 286 2.22 13.96 -0.66
N PRO B 287 -1.91 8.50 -0.61
CA PRO B 287 -3.27 8.07 -0.17
C PRO B 287 -3.82 8.92 1.01
N VAL B 288 -4.01 10.20 0.72
CA VAL B 288 -4.58 11.19 1.67
C VAL B 288 -5.89 10.61 2.22
N GLU B 289 -6.79 10.12 1.36
CA GLU B 289 -8.16 9.77 1.75
C GLU B 289 -8.11 8.64 2.82
N ILE B 290 -7.19 7.68 2.68
CA ILE B 290 -6.99 6.57 3.65
C ILE B 290 -6.55 7.17 4.99
N TRP B 291 -5.47 7.98 5.01
CA TRP B 291 -4.98 8.65 6.23
C TRP B 291 -6.16 9.40 6.88
N ARG B 292 -7.02 10.03 6.08
CA ARG B 292 -8.10 10.85 6.68
C ARG B 292 -9.03 9.89 7.45
N GLN B 293 -9.30 8.71 6.91
CA GLN B 293 -10.21 7.73 7.56
C GLN B 293 -9.54 7.26 8.85
N LEU B 294 -8.25 6.90 8.77
CA LEU B 294 -7.38 6.44 9.92
C LEU B 294 -7.38 7.46 11.08
N LEU B 295 -7.35 8.76 10.77
CA LEU B 295 -7.20 9.85 11.77
C LEU B 295 -8.57 10.44 12.20
N GLU B 296 -9.67 10.02 11.58
CA GLU B 296 -11.07 10.46 11.87
C GLU B 296 -11.29 10.54 13.40
N GLY B 297 -11.82 11.68 13.88
CA GLY B 297 -12.20 11.89 15.28
C GLY B 297 -11.03 12.27 16.18
N THR B 298 -9.81 12.51 15.67
CA THR B 298 -8.63 12.75 16.55
C THR B 298 -8.22 14.23 16.62
N GLY B 299 -8.83 15.10 15.80
CA GLY B 299 -8.46 16.51 15.56
C GLY B 299 -7.01 16.72 15.12
N VAL B 300 -6.38 15.73 14.51
CA VAL B 300 -5.00 15.90 13.95
C VAL B 300 -5.08 16.65 12.62
N THR B 301 -4.23 17.67 12.41
CA THR B 301 -4.12 18.33 11.07
C THR B 301 -3.23 17.50 10.18
N LEU B 302 -3.81 16.88 9.14
CA LEU B 302 -3.04 16.12 8.12
C LEU B 302 -2.50 17.08 7.05
N ALA B 303 -1.19 17.13 6.90
CA ALA B 303 -0.50 17.95 5.88
C ALA B 303 0.10 17.00 4.86
N ALA B 304 0.02 17.33 3.57
CA ALA B 304 0.69 16.59 2.47
C ALA B 304 2.03 17.29 2.19
N GLY B 305 3.17 16.63 2.43
CA GLY B 305 4.51 17.18 2.15
C GLY B 305 4.92 17.04 0.69
N LEU B 306 5.43 18.11 0.06
CA LEU B 306 6.07 18.13 -1.27
C LEU B 306 7.59 18.33 -1.13
N GLU B 307 8.38 17.62 -1.92
CA GLU B 307 9.83 17.86 -2.07
C GLU B 307 10.09 18.66 -3.38
N VAL B 308 11.21 19.37 -3.46
CA VAL B 308 11.57 20.26 -4.60
C VAL B 308 11.84 19.45 -5.90
N LEU B 309 12.55 18.33 -5.85
CA LEU B 309 12.83 17.50 -7.06
C LEU B 309 11.51 16.95 -7.63
N LEU B 310 11.40 16.89 -8.95
CA LEU B 310 10.38 16.07 -9.66
C LEU B 310 11.06 15.12 -10.65
N ARG B 311 11.10 13.80 -10.34
CA ARG B 311 11.80 12.76 -11.13
C ARG B 311 10.86 11.56 -11.34
N PRO B 312 10.83 11.02 -12.59
CA PRO B 312 9.94 9.92 -12.98
C PRO B 312 10.20 8.52 -12.40
N TYR B 313 11.44 8.19 -12.11
CA TYR B 313 11.84 6.89 -11.52
C TYR B 313 13.19 6.99 -10.79
N PRO B 314 13.41 6.14 -9.75
CA PRO B 314 14.54 6.26 -8.84
C PRO B 314 15.90 6.26 -9.56
N ASP B 315 16.03 5.51 -10.65
CA ASP B 315 17.34 5.41 -11.36
C ASP B 315 17.47 6.45 -12.45
N SER B 316 16.57 7.44 -12.53
CA SER B 316 16.67 8.46 -13.61
C SER B 316 17.92 9.32 -13.41
N PRO B 317 18.71 9.67 -14.47
CA PRO B 317 19.77 10.69 -14.33
C PRO B 317 19.29 12.16 -14.34
N LEU B 318 17.98 12.44 -14.50
CA LEU B 318 17.41 13.82 -14.50
C LEU B 318 17.35 14.29 -13.05
N PHE B 319 17.79 15.49 -12.73
CA PHE B 319 17.63 16.13 -11.39
C PHE B 319 17.08 17.55 -11.60
N GLN B 320 15.86 17.63 -12.12
CA GLN B 320 15.16 18.95 -12.21
C GLN B 320 14.14 19.08 -11.06
N THR B 321 13.88 20.32 -10.66
CA THR B 321 12.95 20.70 -9.58
C THR B 321 11.55 20.90 -10.16
N ASN B 322 10.55 20.83 -9.29
CA ASN B 322 9.18 21.28 -9.64
C ASN B 322 9.19 22.70 -10.26
N SER B 323 8.11 23.00 -10.99
CA SER B 323 7.79 24.33 -11.54
C SER B 323 6.53 24.84 -10.85
N LEU B 324 6.21 26.13 -10.96
CA LEU B 324 4.88 26.63 -10.55
C LEU B 324 3.76 25.66 -11.09
N GLU B 325 3.72 25.35 -12.38
CA GLU B 325 2.61 24.50 -12.95
C GLU B 325 2.57 23.12 -12.26
N THR B 326 3.72 22.46 -12.07
CA THR B 326 3.72 21.10 -11.48
C THR B 326 3.32 21.18 -10.00
N VAL B 327 3.67 22.24 -9.25
CA VAL B 327 3.23 22.36 -7.81
C VAL B 327 1.71 22.64 -7.78
N ARG B 328 1.23 23.39 -8.76
CA ARG B 328 -0.23 23.66 -8.94
C ARG B 328 -0.93 22.29 -9.08
N GLY B 329 -0.38 21.48 -9.99
CA GLY B 329 -0.79 20.06 -10.19
C GLY B 329 -0.89 19.28 -8.88
N ALA B 330 0.25 19.03 -8.21
CA ALA B 330 0.33 18.28 -6.93
C ALA B 330 -0.65 18.84 -5.90
N ALA B 331 -0.60 20.16 -5.74
CA ALA B 331 -1.33 20.91 -4.68
C ALA B 331 -2.82 20.69 -4.84
N ALA B 332 -3.35 20.87 -6.06
CA ALA B 332 -4.77 20.69 -6.46
C ALA B 332 -5.18 19.26 -6.18
N SER B 333 -4.30 18.30 -6.55
CA SER B 333 -4.58 16.86 -6.35
C SER B 333 -4.75 16.59 -4.87
N LEU B 334 -3.71 16.94 -4.10
CA LEU B 334 -3.66 16.63 -2.65
C LEU B 334 -4.80 17.38 -1.92
N LEU B 335 -5.01 18.67 -2.16
CA LEU B 335 -6.16 19.36 -1.51
C LEU B 335 -7.46 18.60 -1.84
N ASP B 336 -7.73 18.34 -3.12
CA ASP B 336 -8.96 17.66 -3.62
C ASP B 336 -9.17 16.38 -2.81
N ARG B 337 -8.08 15.75 -2.35
CA ARG B 337 -8.15 14.40 -1.76
C ARG B 337 -8.48 14.50 -0.29
N GLY B 338 -8.33 15.72 0.32
CA GLY B 338 -8.60 15.99 1.74
C GLY B 338 -7.39 16.46 2.54
N ALA B 339 -6.26 16.83 1.95
CA ALA B 339 -5.12 17.42 2.72
C ALA B 339 -5.55 18.74 3.34
N GLN B 340 -5.31 18.90 4.65
CA GLN B 340 -5.72 20.09 5.46
C GLN B 340 -4.59 21.13 5.52
N ARG B 341 -3.49 20.86 4.78
CA ARG B 341 -2.34 21.75 4.60
C ARG B 341 -1.43 21.21 3.50
N ILE B 342 -0.87 22.10 2.68
CA ILE B 342 0.32 21.79 1.85
C ILE B 342 1.59 22.22 2.62
N TYR B 343 2.52 21.27 2.80
CA TYR B 343 3.80 21.44 3.53
C TYR B 343 4.95 21.47 2.49
N LEU B 344 5.74 22.54 2.38
CA LEU B 344 6.87 22.61 1.42
C LEU B 344 8.16 22.35 2.17
N PHE B 345 8.98 21.39 1.67
CA PHE B 345 10.34 21.06 2.13
C PHE B 345 11.26 21.30 0.93
N ASN B 346 12.32 22.08 1.15
CA ASN B 346 13.39 22.44 0.17
C ASN B 346 12.89 23.46 -0.85
N TYR B 347 11.86 24.22 -0.50
CA TYR B 347 11.38 25.33 -1.36
C TYR B 347 11.72 26.68 -0.75
N MSE B 348 13.03 26.94 -0.65
CA MSE B 348 13.61 28.13 0.03
C MSE B 348 13.62 29.38 -0.86
O MSE B 348 12.99 29.38 -1.93
CB MSE B 348 15.03 27.81 0.53
CG MSE B 348 15.08 27.38 1.99
SE MSE B 348 16.63 26.23 2.34
CE MSE B 348 16.11 24.35 2.11
N ASP B 349 14.36 30.40 -0.42
CA ASP B 349 14.35 31.65 -1.19
C ASP B 349 15.55 31.72 -2.16
N SER B 350 16.46 30.74 -2.16
CA SER B 350 17.66 30.75 -3.02
C SER B 350 18.44 29.45 -2.84
N GLN B 351 19.23 29.10 -3.86
CA GLN B 351 20.17 27.95 -3.85
C GLN B 351 19.38 26.63 -3.79
N THR B 352 18.74 26.25 -2.67
CA THR B 352 17.78 25.11 -2.60
C THR B 352 16.32 25.57 -2.83
N ALA B 353 15.89 25.61 -4.08
CA ALA B 353 14.80 26.47 -4.55
C ALA B 353 14.30 25.91 -5.89
N MSE B 354 13.03 26.21 -6.21
CA MSE B 354 12.49 25.95 -7.54
C MSE B 354 13.36 26.67 -8.56
O MSE B 354 13.85 27.74 -8.24
CB MSE B 354 11.06 26.50 -7.60
CG MSE B 354 10.95 27.94 -7.23
SE MSE B 354 9.08 28.41 -6.96
CE MSE B 354 8.00 27.43 -8.31
N GLU B 355 13.55 26.10 -9.76
CA GLU B 355 14.42 26.68 -10.79
C GLU B 355 13.76 27.95 -11.36
N ASP B 356 12.43 27.97 -11.50
CA ASP B 356 11.63 29.18 -11.87
C ASP B 356 11.40 30.07 -10.62
N LEU B 357 12.48 30.56 -10.02
CA LEU B 357 12.46 31.32 -8.73
C LEU B 357 11.61 32.60 -8.85
N GLU B 358 11.58 33.25 -10.03
CA GLU B 358 10.70 34.43 -10.32
C GLU B 358 9.24 34.13 -9.93
N ASN B 359 8.81 32.86 -9.88
CA ASN B 359 7.40 32.47 -9.64
C ASN B 359 7.13 32.07 -8.19
N TYR B 360 8.06 32.29 -7.26
CA TYR B 360 7.96 31.86 -5.83
C TYR B 360 6.89 32.70 -5.14
N PRO B 361 6.88 34.04 -5.27
CA PRO B 361 5.82 34.81 -4.60
C PRO B 361 4.45 34.36 -5.11
N THR B 362 4.29 34.09 -6.41
CA THR B 362 3.00 33.64 -6.98
C THR B 362 2.63 32.30 -6.35
N LEU B 363 3.60 31.37 -6.26
CA LEU B 363 3.46 30.04 -5.61
C LEU B 363 2.91 30.17 -4.17
N LEU B 364 3.43 31.09 -3.35
CA LEU B 364 3.06 31.16 -1.90
C LEU B 364 1.68 31.81 -1.72
N ARG B 365 1.11 32.31 -2.82
CA ARG B 365 -0.20 33.01 -2.82
C ARG B 365 -1.27 32.18 -3.55
N GLU B 366 -0.95 30.96 -3.99
CA GLU B 366 -1.90 30.20 -4.87
C GLU B 366 -2.17 28.78 -4.36
N ILE B 367 -1.13 27.99 -4.01
CA ILE B 367 -1.18 26.50 -3.83
C ILE B 367 -1.90 26.12 -2.52
N GLY B 368 -2.44 27.10 -1.79
CA GLY B 368 -2.97 26.97 -0.42
C GLY B 368 -4.46 26.72 -0.40
N SER B 369 -5.13 26.77 -1.56
CA SER B 369 -6.59 26.70 -1.73
C SER B 369 -6.98 26.22 -3.15
N LEU B 370 -8.04 25.45 -3.30
CA LEU B 370 -8.56 25.10 -4.67
C LEU B 370 -9.09 26.38 -5.37
N GLU B 371 -9.65 27.33 -4.63
CA GLU B 371 -10.15 28.62 -5.20
C GLU B 371 -9.03 29.38 -5.93
N THR B 372 -7.83 29.53 -5.36
CA THR B 372 -6.76 30.37 -5.95
C THR B 372 -6.01 29.60 -7.06
N LEU B 373 -6.16 28.28 -7.13
CA LEU B 373 -5.59 27.38 -8.17
C LEU B 373 -6.53 27.24 -9.38
N ALA B 374 -7.82 27.53 -9.20
CA ALA B 374 -8.91 27.10 -10.08
C ALA B 374 -8.85 27.87 -11.43
N GLY B 375 -8.96 27.16 -12.55
CA GLY B 375 -8.79 27.72 -13.90
C GLY B 375 -7.34 27.98 -14.31
N LYS B 376 -6.33 27.70 -13.47
CA LYS B 376 -4.93 28.17 -13.73
C LYS B 376 -4.11 27.03 -14.33
N PRO B 377 -3.23 27.25 -15.34
CA PRO B 377 -2.48 26.14 -15.93
C PRO B 377 -1.80 25.23 -14.88
N ARG B 378 -1.90 23.93 -15.06
CA ARG B 378 -1.32 22.96 -14.07
C ARG B 378 -0.91 21.68 -14.80
N ARG B 379 0.06 20.98 -14.22
CA ARG B 379 0.67 19.74 -14.73
C ARG B 379 0.67 18.68 -13.62
N HIS B 380 0.19 17.47 -13.97
CA HIS B 380 0.02 16.32 -13.03
C HIS B 380 0.94 15.20 -13.52
N VAL B 381 2.16 15.14 -12.99
CA VAL B 381 3.25 14.25 -13.43
C VAL B 381 3.24 12.97 -12.59
N LEU B 382 3.36 11.82 -13.25
CA LEU B 382 3.61 10.48 -12.67
C LEU B 382 5.05 10.40 -12.12
N THR B 383 5.20 10.11 -10.81
CA THR B 383 6.49 9.82 -10.14
C THR B 383 6.35 8.50 -9.32
N PHE B 384 6.82 8.48 -8.05
CA PHE B 384 7.25 7.24 -7.36
C PHE B 384 7.52 7.59 -5.91
N ALA B 385 7.40 6.62 -5.03
CA ALA B 385 7.67 6.81 -3.60
C ALA B 385 9.08 6.32 -3.39
N ASP B 386 9.97 7.18 -2.81
CA ASP B 386 11.43 6.88 -2.65
C ASP B 386 11.73 6.05 -1.39
N THR B 387 10.76 5.90 -0.46
CA THR B 387 10.99 5.30 0.88
C THR B 387 10.07 4.12 1.15
N TRP B 388 10.68 2.97 1.43
CA TRP B 388 10.04 1.66 1.75
C TRP B 388 10.72 1.04 2.98
N ALA B 389 10.00 0.23 3.77
CA ALA B 389 10.54 -0.40 4.99
C ALA B 389 11.52 -1.49 4.51
N PRO B 390 12.65 -1.70 5.19
CA PRO B 390 13.59 -2.74 4.78
C PRO B 390 12.83 -4.03 4.39
N GLY B 391 12.93 -4.43 3.09
CA GLY B 391 12.49 -5.74 2.54
C GLY B 391 11.02 -5.72 2.20
N GLU B 392 10.43 -4.54 2.39
CA GLU B 392 9.06 -4.31 1.92
C GLU B 392 9.10 -4.29 0.40
N PRO B 393 8.24 -5.04 -0.33
CA PRO B 393 8.16 -4.93 -1.80
C PRO B 393 7.79 -3.51 -2.26
N ARG B 394 8.42 -3.07 -3.34
CA ARG B 394 8.30 -1.69 -3.91
C ARG B 394 7.38 -1.67 -5.15
N ALA B 395 6.51 -0.68 -5.26
CA ALA B 395 5.57 -0.45 -6.37
C ALA B 395 6.03 0.79 -7.10
N ILE B 396 6.78 0.65 -8.19
CA ILE B 396 7.35 1.78 -8.98
C ILE B 396 6.72 1.79 -10.39
N PRO B 397 5.92 2.80 -10.81
CA PRO B 397 5.23 2.70 -12.11
C PRO B 397 6.13 2.82 -13.35
N LEU B 398 7.19 3.65 -13.31
CA LEU B 398 8.03 3.89 -14.53
C LEU B 398 9.45 3.42 -14.29
N PRO B 399 10.24 3.13 -15.35
CA PRO B 399 9.74 3.09 -16.74
C PRO B 399 8.87 1.82 -17.00
N ALA B 400 8.08 1.83 -18.08
CA ALA B 400 7.08 0.79 -18.41
C ALA B 400 7.18 0.35 -19.88
N THR B 401 7.45 -0.93 -20.12
CA THR B 401 7.65 -1.49 -21.48
C THR B 401 6.27 -1.94 -21.97
N CYS B 402 5.98 -1.76 -23.26
CA CYS B 402 4.71 -2.22 -23.90
C CYS B 402 5.10 -3.05 -25.10
N ARG B 403 4.79 -4.35 -25.11
CA ARG B 403 5.13 -5.23 -26.26
C ARG B 403 4.01 -5.04 -27.28
N PRO B 404 4.23 -5.35 -28.58
CA PRO B 404 3.23 -5.16 -29.63
C PRO B 404 1.87 -5.83 -29.31
N GLY B 405 0.81 -5.04 -29.36
CA GLY B 405 -0.57 -5.53 -29.12
C GLY B 405 -0.87 -5.75 -27.65
N GLU B 406 0.08 -5.52 -26.74
CA GLU B 406 -0.11 -5.48 -25.26
C GLU B 406 -0.73 -4.12 -24.90
N TRP B 407 -1.40 -4.07 -23.75
CA TRP B 407 -1.98 -2.86 -23.10
C TRP B 407 -1.20 -2.52 -21.83
N ARG B 408 -1.01 -1.25 -21.56
CA ARG B 408 -0.42 -0.75 -20.29
C ARG B 408 -1.35 0.37 -19.80
N ALA B 409 -1.54 0.47 -18.50
CA ALA B 409 -2.35 1.57 -17.93
C ALA B 409 -1.51 2.34 -16.87
N PHE B 410 -1.76 3.65 -16.78
CA PHE B 410 -1.16 4.55 -15.78
C PHE B 410 -2.32 5.33 -15.15
N ARG B 411 -2.49 5.22 -13.82
CA ARG B 411 -3.52 6.02 -13.15
C ARG B 411 -2.89 7.26 -12.51
N LEU B 412 -3.34 8.46 -12.92
CA LEU B 412 -2.74 9.75 -12.47
C LEU B 412 -3.86 10.52 -11.76
N HIS B 413 -3.56 11.03 -10.56
CA HIS B 413 -4.55 11.75 -9.72
C HIS B 413 -4.54 13.23 -10.11
N THR B 414 -5.63 13.75 -10.66
CA THR B 414 -5.67 15.10 -11.32
C THR B 414 -6.66 15.98 -10.59
N GLY B 415 -7.08 15.55 -9.40
CA GLY B 415 -7.85 16.33 -8.43
C GLY B 415 -9.15 16.83 -9.00
N PRO B 416 -9.43 18.17 -8.99
CA PRO B 416 -10.72 18.65 -9.44
C PRO B 416 -10.92 18.40 -10.94
N LYS B 417 -12.18 18.15 -11.32
CA LYS B 417 -12.61 18.02 -12.74
C LYS B 417 -12.10 19.24 -13.50
N PRO B 418 -11.69 19.15 -14.79
CA PRO B 418 -11.17 20.31 -15.51
C PRO B 418 -12.24 21.36 -15.90
N GLU B 419 -11.91 22.63 -15.72
CA GLU B 419 -12.70 23.80 -16.19
C GLU B 419 -12.68 23.80 -17.72
N PRO B 420 -13.66 24.46 -18.41
CA PRO B 420 -13.59 24.62 -19.86
C PRO B 420 -12.14 24.90 -20.33
N GLY B 421 -11.55 24.06 -21.19
CA GLY B 421 -10.15 24.26 -21.62
C GLY B 421 -9.57 23.06 -22.34
N GLU B 422 -8.23 22.98 -22.49
CA GLU B 422 -7.47 21.88 -23.15
C GLU B 422 -7.04 20.86 -22.10
N VAL B 423 -7.23 19.58 -22.35
CA VAL B 423 -6.59 18.53 -21.51
C VAL B 423 -5.75 17.71 -22.47
N ILE B 424 -4.46 17.55 -22.17
CA ILE B 424 -3.48 16.70 -22.92
C ILE B 424 -2.96 15.58 -22.02
N ALA B 425 -3.03 14.32 -22.46
CA ALA B 425 -2.22 13.20 -21.94
C ALA B 425 -0.89 13.22 -22.70
N ALA B 426 0.27 13.32 -22.01
CA ALA B 426 1.59 13.44 -22.68
C ALA B 426 2.45 12.28 -22.21
N LEU B 427 3.17 11.62 -23.11
CA LEU B 427 3.85 10.32 -22.83
C LEU B 427 5.24 10.38 -23.44
N GLY B 428 6.27 10.25 -22.61
CA GLY B 428 7.68 10.22 -23.03
C GLY B 428 8.18 8.80 -23.27
N ILE B 429 8.79 8.58 -24.45
CA ILE B 429 9.24 7.25 -24.96
C ILE B 429 10.77 7.18 -24.89
N GLU B 430 11.33 6.31 -24.05
CA GLU B 430 12.81 6.21 -23.90
C GLU B 430 13.40 5.32 -25.00
N GLY B 431 14.67 5.57 -25.37
CA GLY B 431 15.36 4.75 -26.38
C GLY B 431 15.37 5.45 -27.74
N GLY B 432 16.14 4.92 -28.70
CA GLY B 432 16.23 5.50 -30.05
C GLY B 432 15.28 4.81 -31.01
N VAL B 433 13.97 5.00 -30.84
CA VAL B 433 12.94 4.38 -31.72
C VAL B 433 11.90 5.44 -32.09
N ALA B 434 11.71 5.66 -33.39
CA ALA B 434 10.73 6.65 -33.88
C ALA B 434 9.36 5.98 -34.00
N ILE B 435 8.31 6.62 -33.47
CA ILE B 435 6.90 6.17 -33.65
C ILE B 435 6.24 6.96 -34.79
N GLY B 436 5.24 6.35 -35.42
CA GLY B 436 4.26 7.00 -36.32
C GLY B 436 3.04 7.43 -35.52
N PRO B 437 2.15 8.26 -36.12
CA PRO B 437 0.94 8.68 -35.44
C PRO B 437 -0.10 7.56 -35.21
N GLU B 438 0.06 6.37 -35.77
CA GLU B 438 -0.87 5.23 -35.50
C GLU B 438 -0.15 4.13 -34.70
N THR B 439 1.10 4.36 -34.29
CA THR B 439 1.90 3.41 -33.48
C THR B 439 1.19 3.21 -32.14
N LEU B 440 0.71 4.30 -31.52
CA LEU B 440 0.01 4.23 -30.21
C LEU B 440 -1.49 4.40 -30.39
N GLU B 441 -2.25 3.72 -29.52
CA GLU B 441 -3.71 3.98 -29.30
C GLU B 441 -3.89 4.37 -27.83
N VAL B 442 -4.33 5.60 -27.60
CA VAL B 442 -4.33 6.16 -26.23
C VAL B 442 -5.78 6.41 -25.87
N ARG B 443 -6.16 5.88 -24.74
CA ARG B 443 -7.54 6.06 -24.23
C ARG B 443 -7.45 6.69 -22.85
N VAL B 444 -8.37 7.62 -22.55
CA VAL B 444 -8.54 8.13 -21.16
C VAL B 444 -9.98 7.81 -20.72
N ASN B 445 -10.10 7.05 -19.62
CA ASN B 445 -11.39 6.50 -19.10
C ASN B 445 -12.16 5.85 -20.26
N GLY B 446 -11.48 5.09 -21.10
CA GLY B 446 -12.11 4.34 -22.21
C GLY B 446 -12.23 5.16 -23.51
N GLU B 447 -12.03 6.48 -23.49
CA GLU B 447 -12.25 7.34 -24.69
C GLU B 447 -10.95 7.56 -25.48
N LEU B 448 -10.99 7.39 -26.79
CA LEU B 448 -9.87 7.66 -27.74
C LEU B 448 -9.39 9.10 -27.59
N CYS B 449 -8.08 9.28 -27.62
CA CYS B 449 -7.40 10.61 -27.58
C CYS B 449 -6.66 10.81 -28.92
N ALA B 450 -6.88 11.95 -29.56
CA ALA B 450 -6.30 12.27 -30.88
C ALA B 450 -4.82 12.64 -30.72
N PHE B 451 -3.95 11.89 -31.38
CA PHE B 451 -2.52 12.22 -31.56
C PHE B 451 -2.38 13.72 -31.88
N LEU B 452 -1.52 14.42 -31.13
CA LEU B 452 -1.21 15.87 -31.33
C LEU B 452 0.18 16.05 -31.91
N GLY B 453 1.05 15.05 -31.77
CA GLY B 453 2.47 15.16 -32.12
C GLY B 453 3.34 15.47 -30.91
N LEU B 454 4.56 15.91 -31.20
CA LEU B 454 5.60 16.19 -30.18
C LEU B 454 5.16 17.41 -29.37
N VAL B 455 5.37 17.41 -28.06
CA VAL B 455 5.02 18.51 -27.13
C VAL B 455 6.35 19.13 -26.70
N ASP B 456 6.48 20.45 -26.71
CA ASP B 456 7.71 21.05 -26.13
C ASP B 456 7.30 21.43 -24.72
N LEU B 457 7.54 20.53 -23.76
CA LEU B 457 7.28 20.78 -22.32
C LEU B 457 8.27 21.84 -21.79
N SER B 458 7.78 22.74 -20.94
CA SER B 458 8.61 23.56 -20.02
C SER B 458 9.28 22.65 -18.97
N LYS B 459 10.39 23.12 -18.38
CA LYS B 459 11.04 22.42 -17.25
C LYS B 459 10.02 22.30 -16.11
N PRO B 460 9.98 21.17 -15.33
CA PRO B 460 10.78 19.96 -15.57
C PRO B 460 10.29 19.09 -16.75
N ARG B 461 11.23 18.45 -17.47
CA ARG B 461 10.96 17.65 -18.68
C ARG B 461 12.06 16.60 -18.89
N PRO B 462 11.72 15.44 -19.50
CA PRO B 462 12.71 14.45 -19.90
C PRO B 462 13.61 14.89 -21.08
N ASP B 463 14.72 14.17 -21.28
CA ASP B 463 15.66 14.37 -22.41
C ASP B 463 15.39 13.28 -23.44
N PHE B 464 14.11 13.07 -23.71
CA PHE B 464 13.65 12.11 -24.73
C PHE B 464 12.26 12.56 -25.18
N PRO B 465 11.86 12.17 -26.41
CA PRO B 465 10.67 12.72 -27.04
C PRO B 465 9.39 12.48 -26.24
N VAL B 466 8.61 13.53 -26.12
CA VAL B 466 7.27 13.50 -25.45
C VAL B 466 6.18 13.72 -26.51
N TYR B 467 5.20 12.80 -26.56
CA TYR B 467 4.09 12.81 -27.55
C TYR B 467 2.81 13.12 -26.78
N GLY B 468 1.96 13.96 -27.38
CA GLY B 468 0.76 14.50 -26.72
C GLY B 468 -0.52 13.97 -27.30
N PHE B 469 -1.49 13.66 -26.45
CA PHE B 469 -2.81 13.15 -26.92
C PHE B 469 -3.90 14.05 -26.36
N SER B 470 -4.74 14.54 -27.27
CA SER B 470 -5.89 15.42 -26.96
C SER B 470 -6.98 14.60 -26.28
N VAL B 471 -7.24 14.85 -24.99
CA VAL B 471 -8.33 14.18 -24.25
C VAL B 471 -9.64 14.92 -24.43
N PRO B 472 -10.73 14.22 -24.84
CA PRO B 472 -12.06 14.81 -24.79
C PRO B 472 -12.36 15.25 -23.36
N LEU B 473 -12.84 16.49 -23.21
CA LEU B 473 -12.94 17.21 -21.92
C LEU B 473 -13.80 16.40 -20.95
N ALA B 474 -14.97 15.97 -21.41
CA ALA B 474 -16.03 15.35 -20.59
C ALA B 474 -15.61 13.93 -20.18
N ALA B 475 -14.48 13.44 -20.69
CA ALA B 475 -13.92 12.13 -20.31
C ALA B 475 -13.36 12.23 -18.90
N MSE B 476 -12.81 13.40 -18.56
CA MSE B 476 -12.01 13.54 -17.35
C MSE B 476 -12.95 13.54 -16.16
O MSE B 476 -14.06 14.08 -16.23
CB MSE B 476 -11.12 14.80 -17.34
CG MSE B 476 -10.12 14.87 -18.48
SE MSE B 476 -8.63 13.67 -17.98
CE MSE B 476 -7.75 14.49 -16.43
N ARG B 477 -12.47 12.95 -15.09
CA ARG B 477 -13.27 12.93 -13.85
C ARG B 477 -12.49 13.45 -12.65
N ARG B 478 -13.25 13.88 -11.66
CA ARG B 478 -12.75 14.17 -10.31
C ARG B 478 -11.87 13.03 -9.81
N GLY B 479 -10.63 13.33 -9.41
CA GLY B 479 -9.75 12.34 -8.75
C GLY B 479 -8.85 11.63 -9.73
N TYR B 480 -8.68 10.32 -9.61
CA TYR B 480 -7.81 9.53 -10.53
C TYR B 480 -8.45 9.54 -11.90
N ASN B 481 -7.63 9.67 -12.95
CA ASN B 481 -8.02 9.51 -14.36
C ASN B 481 -7.09 8.45 -14.97
N LEU B 482 -7.63 7.54 -15.80
CA LEU B 482 -6.83 6.40 -16.30
C LEU B 482 -6.32 6.61 -17.75
N ILE B 483 -5.01 6.57 -17.95
CA ILE B 483 -4.43 6.50 -19.31
C ILE B 483 -4.26 5.02 -19.71
N GLU B 484 -4.88 4.57 -20.79
CA GLU B 484 -4.63 3.20 -21.33
C GLU B 484 -3.97 3.37 -22.70
N VAL B 485 -2.90 2.60 -22.98
CA VAL B 485 -2.05 2.69 -24.21
C VAL B 485 -1.88 1.27 -24.76
N THR B 486 -1.92 1.06 -26.08
CA THR B 486 -1.40 -0.16 -26.74
C THR B 486 -0.53 0.30 -27.92
N ALA B 487 0.56 -0.40 -28.22
CA ALA B 487 1.56 0.01 -29.24
C ALA B 487 1.70 -1.12 -30.25
N ARG B 488 1.87 -0.78 -31.52
CA ARG B 488 2.09 -1.72 -32.67
C ARG B 488 3.59 -2.12 -32.80
N GLN B 489 4.49 -1.48 -32.04
CA GLN B 489 5.97 -1.71 -31.94
C GLN B 489 6.37 -1.76 -30.45
N GLU B 490 7.45 -2.46 -30.08
CA GLU B 490 7.94 -2.48 -28.67
C GLU B 490 8.48 -1.09 -28.31
N LEU B 491 7.97 -0.51 -27.22
CA LEU B 491 8.36 0.83 -26.67
C LEU B 491 8.53 0.72 -25.16
N ARG B 492 9.38 1.57 -24.59
CA ARG B 492 9.51 1.79 -23.12
C ARG B 492 9.07 3.22 -22.79
N PHE B 493 8.08 3.38 -21.90
CA PHE B 493 7.71 4.73 -21.40
C PHE B 493 8.60 5.13 -20.22
N GLY B 494 9.10 6.38 -20.22
CA GLY B 494 9.87 6.99 -19.11
C GLY B 494 9.18 8.20 -18.52
N TRP B 495 7.98 8.53 -18.97
CA TRP B 495 7.32 9.79 -18.52
C TRP B 495 5.87 9.75 -18.90
N ALA B 496 5.02 10.15 -17.97
CA ALA B 496 3.57 10.33 -18.24
C ALA B 496 3.08 11.57 -17.50
N GLU B 497 2.18 12.37 -18.12
CA GLU B 497 1.46 13.46 -17.43
C GLU B 497 0.14 13.82 -18.09
N PHE B 498 -0.64 14.53 -17.29
CA PHE B 498 -1.84 15.31 -17.67
C PHE B 498 -1.48 16.81 -17.52
N LEU B 499 -1.59 17.57 -18.60
CA LEU B 499 -1.53 19.06 -18.70
C LEU B 499 -2.96 19.59 -18.81
N ILE B 500 -3.36 20.48 -17.92
CA ILE B 500 -4.74 21.01 -17.92
C ILE B 500 -4.61 22.55 -17.95
N ARG B 501 -5.04 23.17 -19.04
CA ARG B 501 -4.90 24.63 -19.24
C ARG B 501 -6.23 25.12 -19.77
N PRO B 502 -7.03 25.85 -18.95
CA PRO B 502 -8.07 26.76 -19.45
C PRO B 502 -7.53 27.95 -20.27
C ACT C . -8.89 -23.71 -8.78
O ACT C . -7.68 -24.00 -8.51
OXT ACT C . -9.73 -23.41 -7.90
CH3 ACT C . -9.34 -23.67 -10.24
C ACT D . -28.13 3.50 -16.90
O ACT D . -28.27 4.55 -17.50
OXT ACT D . -28.48 2.39 -17.36
CH3 ACT D . -27.57 3.59 -15.50
C1 GOL E . -41.47 -34.45 -6.80
O1 GOL E . -40.89 -33.16 -6.68
C2 GOL E . -40.58 -35.53 -6.25
O2 GOL E . -39.24 -35.37 -6.74
C3 GOL E . -41.06 -36.92 -6.61
O3 GOL E . -41.93 -36.88 -7.73
O9 NGE F . -18.94 -21.66 -11.74
C9 NGE F . -17.80 -22.55 -12.04
C8 NGE F . -16.84 -22.52 -10.85
O8 NGE F . -17.53 -22.95 -9.65
C7 NGE F . -15.59 -23.44 -11.07
O7 NGE F . -14.89 -23.09 -12.28
C6 NGE F . -14.64 -23.43 -9.88
O6 NGE F . -14.15 -22.10 -9.71
C1 NGE F . -12.97 -20.47 -8.49
O1A NGE F . -11.84 -20.20 -7.83
O1B NGE F . -13.65 -19.60 -8.99
O2 NGE F . -14.32 -22.00 -7.50
C3 NGE F . -12.21 -22.84 -8.47
C4 NGE F . -12.55 -24.31 -8.80
O4 NGE F . -11.34 -25.11 -8.95
C5 NGE F . -13.42 -24.33 -10.07
N5 NGE F . -13.89 -25.67 -10.26
C2 NGE F . -13.42 -21.88 -8.56
C10 NGE F . -13.27 -26.49 -11.04
O10 NGE F . -12.40 -26.10 -11.84
C11 NGE F . -13.64 -27.88 -10.71
O11 NGE F . -13.52 -28.56 -11.93
C1 GOL G . 22.63 -1.85 -1.72
O1 GOL G . 23.61 -2.88 -1.60
C2 GOL G . 22.24 -1.30 -0.37
O2 GOL G . 21.90 -2.37 0.52
C3 GOL G . 21.10 -0.30 -0.42
O3 GOL G . 20.52 -0.10 0.86
C1 GOL H . -0.70 2.41 10.83
O1 GOL H . -1.00 1.39 11.79
C2 GOL H . 0.28 3.40 11.41
O2 GOL H . -0.24 3.96 12.62
C3 GOL H . 0.64 4.53 10.48
O3 GOL H . 1.86 5.12 10.90
C ACT I . 2.77 -0.65 -2.82
O ACT I . 3.08 -0.04 -1.76
OXT ACT I . 2.76 -0.11 -3.94
CH3 ACT I . 2.40 -2.14 -2.73
C1 GOL J . -14.49 7.67 -26.95
O1 GOL J . -13.97 6.66 -27.81
C2 GOL J . -15.45 8.62 -27.65
O2 GOL J . -16.71 7.99 -27.82
C3 GOL J . -15.62 9.92 -26.89
O3 GOL J . -14.60 10.87 -27.20
C ACT K . 30.23 1.26 9.75
O ACT K . 30.81 0.15 9.73
OXT ACT K . 29.53 1.68 8.83
CH3 ACT K . 30.41 2.21 10.95
O9 NGE L . 22.95 19.51 7.31
C9 NGE L . 23.15 20.10 5.99
C8 NGE L . 21.80 20.20 5.24
O8 NGE L . 21.06 21.31 5.81
C7 NGE L . 22.05 20.47 3.72
O7 NGE L . 22.92 19.46 3.19
C6 NGE L . 20.75 20.68 2.94
O6 NGE L . 20.02 19.48 3.10
C1 NGE L . 18.16 18.10 2.77
O1A NGE L . 18.41 17.43 3.77
O1B NGE L . 17.27 17.73 1.84
O2 NGE L . 17.95 20.33 3.31
C3 NGE L . 18.79 19.79 1.10
C4 NGE L . 19.54 21.05 0.77
O4 NGE L . 19.66 21.20 -0.65
C5 NGE L . 20.91 20.94 1.44
N5 NGE L . 21.61 22.16 1.24
C2 NGE L . 18.75 19.44 2.58
C10 NGE L . 22.74 22.15 0.60
O10 NGE L . 23.24 21.13 0.07
C11 NGE L . 23.41 23.49 0.64
O11 NGE L . 23.76 23.86 -0.65
#